data_1QO0
#
_entry.id   1QO0
#
_cell.length_a   308.440
_cell.length_b   67.150
_cell.length_c   76.410
_cell.angle_alpha   90.00
_cell.angle_beta   103.33
_cell.angle_gamma   90.00
#
_symmetry.space_group_name_H-M   'C 1 2 1'
#
loop_
_entity.id
_entity.type
_entity.pdbx_description
1 polymer AMIC
2 polymer AMIR
3 non-polymer BUTYRAMIDE
4 water water
#
loop_
_entity_poly.entity_id
_entity_poly.type
_entity_poly.pdbx_seq_one_letter_code
_entity_poly.pdbx_strand_id
1 'polypeptide(L)'
;MGSHQERPLIGLLFSETGVTADIERSQRYGALLAVEQLNREGGVGGRPIETLSQDPGGDPDRYRLCAEDFIRNRGVRFLV
GCYMSHTRKAVMPVVERADALLCYPTPYEGFEYSPNIVYGGPAPNQNSAPLAAYLIRHYGERVVFIGSDYIYPRESNHVM
RHLYRQHGGTVLEEIYIPLYPSDDDLQRAVERIYQARADVVFSTVVGTGTAELYRAIARRYGDGRRPPIASLTTSEAEVA
KMESDVAEGQVVVAPYFSSIDTPASRAFVQACHGFFPENATITAWAEAAYWQTLLLGRAAQAAGNWRVEDVQRHLYDIDI
DAPQGPVRVERQNNHSRLSSRIAEIDARGVFQVRWQSPEPIRPDPYVVVHNLDDWSASMGGGPLP
;
A,B
2 'polypeptide(L)'
;MSANSLLGSLRELQVLVLNPPGEVSDALVLQLIRIGCSVRQCWPPPEAFDVPVDVVFTSIFQNRHHDEIAALLAAGTPRT
TLVALVEYESPAVLSQIIELECHGVITQPLDAHRVLPVLVSARRISEEMAKLKQKTEQLQDRIAGQARINQAKVLLMQRH
GWDEREAHQHLSREAMKRREPILKIAQELLGNEPSA
;
D,E
#
loop_
_chem_comp.id
_chem_comp.type
_chem_comp.name
_chem_comp.formula
BMD non-polymer BUTYRAMIDE 'C4 H9 N O'
#
# COMPACT_ATOMS: atom_id res chain seq x y z
N ARG A 7 -33.41 10.05 4.63
CA ARG A 7 -32.92 11.31 3.96
C ARG A 7 -33.99 11.86 3.07
N PRO A 8 -34.22 11.42 1.87
CA PRO A 8 -33.37 11.48 0.73
C PRO A 8 -32.75 12.88 0.61
N LEU A 9 -31.47 13.02 0.96
CA LEU A 9 -30.74 14.26 0.95
C LEU A 9 -29.49 14.12 0.08
N ILE A 10 -29.41 14.90 -0.99
CA ILE A 10 -28.25 14.79 -1.88
C ILE A 10 -27.34 15.97 -1.57
N GLY A 11 -26.04 15.71 -1.36
CA GLY A 11 -25.13 16.81 -1.13
C GLY A 11 -24.50 17.23 -2.44
N LEU A 12 -24.57 18.50 -2.78
CA LEU A 12 -24.02 19.11 -3.95
C LEU A 12 -22.72 19.82 -3.57
N LEU A 13 -21.62 19.27 -4.11
CA LEU A 13 -20.28 19.77 -3.78
C LEU A 13 -19.68 20.45 -4.99
N PHE A 14 -20.18 21.64 -5.30
CA PHE A 14 -19.77 22.38 -6.49
C PHE A 14 -19.38 23.82 -6.17
N SER A 15 -18.26 24.33 -6.61
CA SER A 15 -17.89 25.70 -6.28
C SER A 15 -18.88 26.73 -6.86
N GLU A 16 -19.12 27.77 -6.03
CA GLU A 16 -19.94 28.89 -6.48
C GLU A 16 -19.00 30.06 -6.78
N THR A 17 -17.80 30.01 -6.22
CA THR A 17 -16.75 30.98 -6.32
C THR A 17 -15.43 30.27 -6.67
N GLY A 18 -14.41 31.00 -7.02
CA GLY A 18 -13.14 30.40 -7.37
C GLY A 18 -12.98 30.25 -8.87
N VAL A 19 -11.89 29.60 -9.29
CA VAL A 19 -11.52 29.61 -10.70
C VAL A 19 -12.44 28.87 -11.62
N THR A 20 -13.13 27.82 -11.18
CA THR A 20 -14.06 27.11 -12.05
C THR A 20 -15.51 27.29 -11.61
N ALA A 21 -15.82 28.41 -10.98
CA ALA A 21 -17.17 28.71 -10.54
C ALA A 21 -18.18 28.72 -11.70
N ASP A 22 -17.83 29.26 -12.86
CA ASP A 22 -18.79 29.30 -13.95
C ASP A 22 -19.23 27.90 -14.40
N ILE A 23 -18.29 26.97 -14.56
CA ILE A 23 -18.70 25.62 -14.95
C ILE A 23 -19.34 24.92 -13.76
N GLU A 24 -18.76 25.02 -12.57
CA GLU A 24 -19.40 24.33 -11.42
C GLU A 24 -20.76 24.88 -11.05
N ARG A 25 -21.03 26.18 -11.26
CA ARG A 25 -22.35 26.72 -10.96
C ARG A 25 -23.35 26.05 -11.91
N SER A 26 -22.97 25.88 -13.18
CA SER A 26 -23.88 25.24 -14.11
C SER A 26 -23.99 23.75 -13.81
N GLN A 27 -22.94 23.09 -13.32
CA GLN A 27 -23.13 21.70 -12.92
C GLN A 27 -24.16 21.68 -11.78
N ARG A 28 -23.97 22.56 -10.81
CA ARG A 28 -24.86 22.60 -9.65
C ARG A 28 -26.32 22.79 -10.12
N TYR A 29 -26.57 23.69 -11.06
CA TYR A 29 -27.92 23.89 -11.53
C TYR A 29 -28.49 22.74 -12.36
N GLY A 30 -27.60 21.99 -13.04
CA GLY A 30 -28.05 20.82 -13.79
C GLY A 30 -28.56 19.82 -12.75
N ALA A 31 -27.83 19.67 -11.63
CA ALA A 31 -28.31 18.70 -10.64
C ALA A 31 -29.58 19.21 -9.95
N LEU A 32 -29.64 20.51 -9.63
CA LEU A 32 -30.82 21.07 -9.00
C LEU A 32 -32.05 20.87 -9.90
N LEU A 33 -31.88 21.07 -11.21
CA LEU A 33 -32.94 20.88 -12.18
C LEU A 33 -33.47 19.44 -12.20
N ALA A 34 -32.57 18.46 -12.16
CA ALA A 34 -32.90 17.05 -12.09
C ALA A 34 -33.66 16.77 -10.79
N VAL A 35 -33.25 17.38 -9.69
CA VAL A 35 -33.95 17.16 -8.43
C VAL A 35 -35.38 17.72 -8.55
N GLU A 36 -35.53 18.88 -9.14
CA GLU A 36 -36.88 19.42 -9.34
C GLU A 36 -37.68 18.42 -10.18
N GLN A 37 -37.11 17.88 -11.27
CA GLN A 37 -37.79 16.92 -12.08
C GLN A 37 -38.09 15.61 -11.36
N LEU A 38 -37.16 15.14 -10.53
CA LEU A 38 -37.42 13.95 -9.76
C LEU A 38 -38.59 14.12 -8.79
N ASN A 39 -38.79 15.33 -8.26
CA ASN A 39 -39.85 15.53 -7.30
C ASN A 39 -41.20 15.56 -8.04
N ARG A 40 -41.22 16.15 -9.22
CA ARG A 40 -42.42 16.14 -10.05
C ARG A 40 -42.74 14.75 -10.53
N GLU A 41 -41.81 13.81 -10.54
CA GLU A 41 -41.95 12.43 -10.83
C GLU A 41 -42.06 11.60 -9.53
N GLY A 42 -42.51 12.17 -8.42
CA GLY A 42 -42.71 11.37 -7.24
C GLY A 42 -41.70 11.22 -6.14
N GLY A 43 -40.57 11.93 -6.13
CA GLY A 43 -39.61 11.78 -5.03
C GLY A 43 -39.28 10.30 -4.82
N VAL A 44 -38.93 9.92 -3.59
CA VAL A 44 -38.54 8.53 -3.34
C VAL A 44 -39.23 7.97 -2.11
N GLY A 45 -39.87 6.81 -2.26
CA GLY A 45 -40.62 6.19 -1.16
C GLY A 45 -41.60 7.22 -0.60
N GLY A 46 -42.36 7.91 -1.44
CA GLY A 46 -43.30 8.91 -1.00
C GLY A 46 -42.75 10.27 -0.71
N ARG A 47 -41.50 10.49 -0.31
CA ARG A 47 -41.07 11.86 0.03
C ARG A 47 -40.23 12.55 -1.04
N PRO A 48 -40.24 13.88 -1.02
CA PRO A 48 -39.45 14.72 -1.89
C PRO A 48 -37.95 14.67 -1.63
N ILE A 49 -37.15 14.64 -2.69
CA ILE A 49 -35.71 14.60 -2.54
C ILE A 49 -35.22 15.99 -2.18
N GLU A 50 -34.42 16.12 -1.13
CA GLU A 50 -33.81 17.41 -0.79
C GLU A 50 -32.33 17.50 -1.19
N THR A 51 -31.86 18.75 -1.28
CA THR A 51 -30.45 18.96 -1.54
C THR A 51 -29.83 19.88 -0.49
N LEU A 52 -28.55 19.73 -0.23
CA LEU A 52 -27.73 20.57 0.63
C LEU A 52 -26.44 20.92 -0.13
N SER A 53 -26.27 22.18 -0.46
CA SER A 53 -25.13 22.64 -1.24
C SER A 53 -24.00 23.25 -0.39
N GLN A 54 -22.74 23.06 -0.76
CA GLN A 54 -21.68 23.70 0.01
C GLN A 54 -20.66 24.19 -1.00
N ASP A 55 -20.14 25.38 -0.77
CA ASP A 55 -19.16 25.97 -1.68
C ASP A 55 -17.72 25.86 -1.20
N PRO A 56 -16.91 25.04 -1.83
CA PRO A 56 -15.49 24.91 -1.54
C PRO A 56 -14.62 25.92 -2.25
N GLY A 57 -15.12 26.79 -3.13
CA GLY A 57 -14.31 27.81 -3.74
C GLY A 57 -13.14 27.36 -4.58
N GLY A 58 -13.15 26.17 -5.19
CA GLY A 58 -12.12 25.69 -6.05
C GLY A 58 -10.92 25.17 -5.27
N ASP A 59 -11.07 25.14 -3.95
CA ASP A 59 -9.96 24.70 -3.07
C ASP A 59 -10.12 23.27 -2.61
N PRO A 60 -9.18 22.41 -2.99
CA PRO A 60 -9.19 20.98 -2.74
C PRO A 60 -9.31 20.62 -1.29
N ASP A 61 -8.57 21.29 -0.40
CA ASP A 61 -8.72 21.12 1.03
C ASP A 61 -10.14 21.46 1.49
N ARG A 62 -10.76 22.49 0.94
CA ARG A 62 -12.15 22.81 1.31
C ARG A 62 -13.16 21.78 0.75
N TYR A 63 -12.89 21.10 -0.38
CA TYR A 63 -13.82 20.08 -0.89
C TYR A 63 -13.79 18.91 0.10
N ARG A 64 -12.56 18.57 0.51
CA ARG A 64 -12.36 17.58 1.54
C ARG A 64 -13.14 17.95 2.81
N LEU A 65 -12.93 19.12 3.39
CA LEU A 65 -13.64 19.49 4.62
C LEU A 65 -15.14 19.53 4.40
N CYS A 66 -15.60 20.09 3.27
CA CYS A 66 -17.06 20.06 3.11
C CYS A 66 -17.58 18.63 2.96
N ALA A 67 -16.87 17.78 2.23
CA ALA A 67 -17.28 16.38 2.07
C ALA A 67 -17.42 15.75 3.46
N GLU A 68 -16.51 15.98 4.37
CA GLU A 68 -16.52 15.46 5.72
C GLU A 68 -17.69 16.00 6.55
N ASP A 69 -17.94 17.29 6.38
CA ASP A 69 -19.09 17.92 7.02
C ASP A 69 -20.37 17.25 6.51
N PHE A 70 -20.50 17.03 5.21
CA PHE A 70 -21.67 16.34 4.66
C PHE A 70 -21.89 14.96 5.29
N ILE A 71 -20.84 14.14 5.30
CA ILE A 71 -20.89 12.84 5.90
C ILE A 71 -20.92 12.82 7.41
N ARG A 72 -20.04 13.51 8.11
CA ARG A 72 -20.06 13.42 9.56
C ARG A 72 -21.25 14.15 10.16
N ASN A 73 -21.61 15.34 9.69
CA ASN A 73 -22.66 16.10 10.38
C ASN A 73 -23.98 16.26 9.68
N ARG A 74 -24.13 15.83 8.42
CA ARG A 74 -25.43 16.09 7.78
C ARG A 74 -26.11 14.80 7.38
N GLY A 75 -25.52 13.67 7.75
CA GLY A 75 -26.00 12.34 7.41
C GLY A 75 -26.06 12.08 5.90
N VAL A 76 -25.33 12.81 5.05
CA VAL A 76 -25.41 12.61 3.61
C VAL A 76 -24.54 11.43 3.17
N ARG A 77 -25.06 10.61 2.24
CA ARG A 77 -24.33 9.45 1.71
C ARG A 77 -24.26 9.45 0.20
N PHE A 78 -24.98 10.38 -0.41
CA PHE A 78 -25.00 10.62 -1.82
C PHE A 78 -24.56 12.07 -2.09
N LEU A 79 -23.52 12.16 -2.89
CA LEU A 79 -22.98 13.44 -3.27
C LEU A 79 -22.92 13.58 -4.78
N VAL A 80 -23.02 14.76 -5.33
CA VAL A 80 -22.83 15.04 -6.76
C VAL A 80 -21.83 16.20 -6.75
N GLY A 81 -20.65 16.00 -7.33
CA GLY A 81 -19.71 17.14 -7.23
C GLY A 81 -18.31 16.89 -7.78
N CYS A 82 -17.50 17.91 -7.65
CA CYS A 82 -16.09 17.98 -7.97
C CYS A 82 -15.88 18.28 -9.45
N TYR A 83 -14.81 19.01 -9.77
CA TYR A 83 -14.52 19.30 -11.16
C TYR A 83 -13.04 19.08 -11.44
N MET A 84 -12.11 20.00 -11.10
CA MET A 84 -10.69 19.75 -11.27
C MET A 84 -10.30 18.47 -10.53
N SER A 85 -9.43 17.67 -11.14
CA SER A 85 -9.00 16.38 -10.60
C SER A 85 -8.41 16.34 -9.22
N HIS A 86 -7.64 17.31 -8.75
CA HIS A 86 -7.13 17.38 -7.40
C HIS A 86 -8.29 17.59 -6.41
N THR A 87 -9.42 18.17 -6.81
CA THR A 87 -10.60 18.28 -5.96
C THR A 87 -11.29 16.92 -5.84
N ARG A 88 -11.32 16.13 -6.90
CA ARG A 88 -11.86 14.77 -6.84
C ARG A 88 -10.97 13.90 -5.98
N LYS A 89 -9.64 14.02 -6.13
CA LYS A 89 -8.77 13.18 -5.31
C LYS A 89 -8.92 13.47 -3.82
N ALA A 90 -9.21 14.74 -3.51
CA ALA A 90 -9.34 15.14 -2.12
C ALA A 90 -10.61 14.55 -1.51
N VAL A 91 -11.67 14.42 -2.27
CA VAL A 91 -12.95 13.91 -1.73
C VAL A 91 -13.04 12.39 -1.73
N MET A 92 -12.40 11.72 -2.69
CA MET A 92 -12.47 10.28 -2.89
C MET A 92 -12.27 9.43 -1.65
N PRO A 93 -11.17 9.59 -0.90
CA PRO A 93 -10.97 8.88 0.35
C PRO A 93 -12.08 9.08 1.38
N VAL A 94 -12.64 10.30 1.47
CA VAL A 94 -13.69 10.57 2.44
C VAL A 94 -14.92 9.75 2.05
N VAL A 95 -15.33 9.78 0.78
CA VAL A 95 -16.48 8.98 0.40
C VAL A 95 -16.21 7.47 0.46
N GLU A 96 -15.01 7.02 0.12
CA GLU A 96 -14.70 5.60 0.19
C GLU A 96 -14.76 5.12 1.63
N ARG A 97 -14.20 5.88 2.58
CA ARG A 97 -14.25 5.40 3.96
C ARG A 97 -15.68 5.34 4.52
N ALA A 98 -16.56 6.21 4.03
CA ALA A 98 -17.92 6.24 4.58
C ALA A 98 -18.89 5.32 3.86
N ASP A 99 -18.45 4.67 2.77
CA ASP A 99 -19.30 3.82 1.97
C ASP A 99 -20.39 4.68 1.36
N ALA A 100 -20.07 5.92 1.02
CA ALA A 100 -20.96 6.88 0.38
C ALA A 100 -20.78 6.69 -1.13
N LEU A 101 -21.41 7.53 -1.91
CA LEU A 101 -21.33 7.49 -3.35
C LEU A 101 -21.26 8.88 -3.92
N LEU A 102 -20.27 9.16 -4.75
CA LEU A 102 -20.17 10.48 -5.37
C LEU A 102 -20.42 10.36 -6.86
N CYS A 103 -21.19 11.23 -7.47
CA CYS A 103 -21.37 11.30 -8.89
C CYS A 103 -20.47 12.44 -9.35
N TYR A 104 -19.54 12.14 -10.24
CA TYR A 104 -18.59 13.04 -10.79
C TYR A 104 -18.94 13.34 -12.23
N PRO A 105 -19.72 14.36 -12.51
CA PRO A 105 -20.15 14.65 -13.88
C PRO A 105 -19.20 15.48 -14.67
N THR A 106 -17.97 15.03 -14.86
CA THR A 106 -16.87 15.86 -15.36
C THR A 106 -15.86 15.08 -16.17
N PRO A 107 -15.25 15.69 -17.17
CA PRO A 107 -14.20 15.03 -17.93
C PRO A 107 -12.94 14.76 -17.14
N TYR A 108 -12.16 13.73 -17.40
CA TYR A 108 -10.89 13.62 -16.66
C TYR A 108 -9.84 12.77 -17.39
N GLU A 109 -8.65 12.69 -16.84
CA GLU A 109 -7.46 12.06 -17.30
C GLU A 109 -7.52 10.52 -17.33
N GLY A 110 -8.55 9.91 -16.77
CA GLY A 110 -8.67 8.47 -16.70
C GLY A 110 -7.76 7.86 -15.64
N PHE A 111 -7.52 6.56 -15.72
CA PHE A 111 -6.62 5.87 -14.82
C PHE A 111 -7.01 5.93 -13.36
N GLU A 112 -8.30 5.69 -13.12
CA GLU A 112 -8.75 5.62 -11.75
C GLU A 112 -9.96 4.69 -11.74
N TYR A 113 -10.11 4.00 -10.64
CA TYR A 113 -11.27 3.21 -10.40
C TYR A 113 -11.53 3.30 -8.89
N SER A 114 -12.70 3.79 -8.55
CA SER A 114 -13.14 3.82 -7.17
C SER A 114 -14.51 3.14 -7.20
N PRO A 115 -14.80 2.23 -6.29
CA PRO A 115 -16.13 1.67 -6.20
C PRO A 115 -17.17 2.70 -5.78
N ASN A 116 -16.78 3.84 -5.23
CA ASN A 116 -17.65 4.85 -4.69
C ASN A 116 -17.83 6.07 -5.56
N ILE A 117 -17.36 6.05 -6.81
CA ILE A 117 -17.50 7.22 -7.66
C ILE A 117 -18.17 6.76 -8.96
N VAL A 118 -19.19 7.46 -9.40
CA VAL A 118 -19.80 7.19 -10.70
C VAL A 118 -19.28 8.26 -11.66
N TYR A 119 -18.52 7.87 -12.65
CA TYR A 119 -17.86 8.81 -13.54
C TYR A 119 -18.80 9.17 -14.67
N GLY A 120 -19.38 10.37 -14.67
CA GLY A 120 -20.28 10.81 -15.71
C GLY A 120 -19.71 11.61 -16.85
N GLY A 121 -18.41 11.90 -16.82
CA GLY A 121 -17.78 12.66 -17.89
C GLY A 121 -16.74 11.76 -18.58
N PRO A 122 -16.25 12.19 -19.72
CA PRO A 122 -15.38 11.32 -20.51
C PRO A 122 -13.97 11.09 -20.01
N ALA A 123 -13.48 9.88 -20.18
CA ALA A 123 -12.07 9.50 -20.06
C ALA A 123 -11.44 9.86 -21.41
N PRO A 124 -10.14 9.95 -21.55
CA PRO A 124 -9.45 10.34 -22.77
C PRO A 124 -9.75 9.56 -24.03
N ASN A 125 -10.11 8.27 -23.92
CA ASN A 125 -10.56 7.55 -25.12
C ASN A 125 -11.89 8.10 -25.62
N GLN A 126 -12.63 8.86 -24.81
CA GLN A 126 -13.92 9.41 -25.21
C GLN A 126 -13.95 10.84 -25.68
N ASN A 127 -12.90 11.61 -25.56
CA ASN A 127 -12.82 12.99 -26.01
C ASN A 127 -11.41 13.32 -26.49
N SER A 128 -10.33 13.02 -25.78
CA SER A 128 -9.04 13.43 -26.32
C SER A 128 -8.65 12.67 -27.60
N ALA A 129 -8.81 11.36 -27.59
CA ALA A 129 -8.46 10.51 -28.73
C ALA A 129 -9.16 10.94 -30.00
N PRO A 130 -10.49 10.99 -30.02
CA PRO A 130 -11.22 11.50 -31.17
C PRO A 130 -10.79 12.91 -31.53
N LEU A 131 -10.57 13.80 -30.56
CA LEU A 131 -10.18 15.17 -30.89
C LEU A 131 -8.81 15.18 -31.62
N ALA A 132 -7.86 14.42 -31.09
CA ALA A 132 -6.59 14.25 -31.74
C ALA A 132 -6.77 13.83 -33.19
N ALA A 133 -7.63 12.81 -33.43
CA ALA A 133 -7.85 12.27 -34.76
C ALA A 133 -8.35 13.40 -35.67
N TYR A 134 -9.30 14.18 -35.18
CA TYR A 134 -9.89 15.28 -35.88
C TYR A 134 -8.86 16.34 -36.23
N LEU A 135 -8.03 16.77 -35.29
CA LEU A 135 -7.07 17.84 -35.49
C LEU A 135 -5.99 17.48 -36.49
N ILE A 136 -5.48 16.26 -36.35
CA ILE A 136 -4.48 15.74 -37.26
C ILE A 136 -5.09 15.62 -38.66
N ARG A 137 -6.37 15.28 -38.81
CA ARG A 137 -6.96 15.21 -40.14
C ARG A 137 -7.19 16.56 -40.80
N HIS A 138 -7.70 17.56 -40.07
CA HIS A 138 -8.11 18.81 -40.66
C HIS A 138 -7.20 20.00 -40.46
N TYR A 139 -6.21 19.96 -39.57
CA TYR A 139 -5.39 21.13 -39.27
C TYR A 139 -3.91 20.85 -39.43
N GLY A 140 -3.07 21.89 -39.45
CA GLY A 140 -1.66 21.81 -39.67
C GLY A 140 -0.91 20.93 -38.72
N GLU A 141 0.36 20.64 -39.04
CA GLU A 141 1.18 19.78 -38.19
C GLU A 141 1.93 20.62 -37.17
N ARG A 142 1.85 21.94 -37.26
CA ARG A 142 2.51 22.75 -36.23
C ARG A 142 1.53 23.06 -35.09
N VAL A 143 1.80 22.49 -33.90
CA VAL A 143 0.94 22.77 -32.76
C VAL A 143 1.67 23.34 -31.54
N VAL A 144 1.14 24.39 -30.93
CA VAL A 144 1.68 24.92 -29.66
C VAL A 144 0.64 24.53 -28.60
N PHE A 145 1.08 24.14 -27.43
CA PHE A 145 0.18 23.76 -26.34
C PHE A 145 0.14 24.83 -25.24
N ILE A 146 -1.00 25.17 -24.67
CA ILE A 146 -1.20 26.10 -23.58
C ILE A 146 -2.22 25.53 -22.57
N GLY A 147 -1.80 25.32 -21.33
CA GLY A 147 -2.67 24.79 -20.29
C GLY A 147 -2.56 25.50 -18.95
N SER A 148 -3.56 25.24 -18.11
CA SER A 148 -3.53 25.73 -16.73
C SER A 148 -2.57 24.78 -16.01
N ASP A 149 -1.83 25.28 -15.04
CA ASP A 149 -0.86 24.49 -14.33
C ASP A 149 -1.37 23.64 -13.15
N TYR A 150 -1.85 22.46 -13.43
CA TYR A 150 -2.30 21.46 -12.48
C TYR A 150 -2.38 20.16 -13.29
N ILE A 151 -2.69 19.04 -12.63
CA ILE A 151 -2.58 17.73 -13.20
C ILE A 151 -3.29 17.44 -14.50
N TYR A 152 -4.56 17.85 -14.63
CA TYR A 152 -5.33 17.50 -15.84
C TYR A 152 -4.74 18.02 -17.12
N PRO A 153 -4.46 19.29 -17.30
CA PRO A 153 -3.80 19.85 -18.48
C PRO A 153 -2.47 19.14 -18.78
N ARG A 154 -1.71 18.83 -17.73
CA ARG A 154 -0.42 18.17 -17.85
C ARG A 154 -0.57 16.75 -18.39
N GLU A 155 -1.48 15.98 -17.81
CA GLU A 155 -1.71 14.63 -18.28
C GLU A 155 -2.32 14.69 -19.68
N SER A 156 -3.28 15.62 -19.92
CA SER A 156 -3.84 15.72 -21.26
C SER A 156 -2.75 16.01 -22.30
N ASN A 157 -1.82 16.91 -21.97
CA ASN A 157 -0.77 17.29 -22.89
C ASN A 157 0.21 16.17 -23.13
N HIS A 158 0.46 15.34 -22.14
CA HIS A 158 1.35 14.18 -22.28
C HIS A 158 0.78 13.25 -23.35
N VAL A 159 -0.53 12.98 -23.29
CA VAL A 159 -1.18 12.13 -24.28
C VAL A 159 -1.18 12.83 -25.65
N MET A 160 -1.64 14.09 -25.72
CA MET A 160 -1.68 14.82 -26.97
C MET A 160 -0.34 14.97 -27.68
N ARG A 161 0.73 15.27 -26.95
CA ARG A 161 2.02 15.46 -27.57
C ARG A 161 2.55 14.14 -28.15
N HIS A 162 2.32 13.02 -27.46
CA HIS A 162 2.72 11.74 -27.99
C HIS A 162 2.00 11.47 -29.30
N LEU A 163 0.71 11.76 -29.30
CA LEU A 163 -0.14 11.56 -30.46
C LEU A 163 0.30 12.36 -31.69
N TYR A 164 0.56 13.65 -31.51
CA TYR A 164 1.07 14.47 -32.59
C TYR A 164 2.46 13.98 -33.07
N ARG A 165 3.38 13.69 -32.15
CA ARG A 165 4.71 13.24 -32.53
C ARG A 165 4.69 11.92 -33.32
N GLN A 166 3.77 11.04 -32.98
CA GLN A 166 3.56 9.76 -33.61
C GLN A 166 2.74 9.82 -34.88
N HIS A 167 2.20 10.97 -35.27
CA HIS A 167 1.42 11.10 -36.49
C HIS A 167 2.00 12.19 -37.38
N GLY A 168 3.32 12.41 -37.35
CA GLY A 168 3.92 13.43 -38.17
C GLY A 168 3.96 14.87 -37.76
N GLY A 169 3.31 15.30 -36.67
CA GLY A 169 3.27 16.66 -36.23
C GLY A 169 4.43 17.10 -35.36
N THR A 170 4.51 18.40 -35.06
CA THR A 170 5.56 18.98 -34.24
C THR A 170 4.96 19.78 -33.09
N VAL A 171 5.27 19.41 -31.86
CA VAL A 171 4.80 20.14 -30.69
C VAL A 171 5.81 21.26 -30.43
N LEU A 172 5.51 22.49 -30.83
CA LEU A 172 6.43 23.59 -30.76
C LEU A 172 6.70 24.19 -29.38
N GLU A 173 5.83 23.95 -28.42
CA GLU A 173 5.96 24.52 -27.11
C GLU A 173 4.77 24.08 -26.25
N GLU A 174 5.11 23.83 -25.01
CA GLU A 174 4.14 23.47 -24.00
C GLU A 174 4.24 24.56 -22.93
N ILE A 175 3.26 25.46 -22.90
CA ILE A 175 3.28 26.56 -21.94
C ILE A 175 2.24 26.34 -20.84
N TYR A 176 2.62 26.64 -19.59
CA TYR A 176 1.73 26.50 -18.46
C TYR A 176 1.54 27.85 -17.78
N ILE A 177 0.29 28.20 -17.54
CA ILE A 177 -0.01 29.42 -16.77
C ILE A 177 -0.75 28.97 -15.52
N PRO A 178 -0.68 29.75 -14.45
CA PRO A 178 -1.41 29.41 -13.25
C PRO A 178 -2.94 29.47 -13.43
N LEU A 179 -3.61 28.72 -12.57
CA LEU A 179 -5.06 28.86 -12.44
C LEU A 179 -5.30 30.33 -12.07
N TYR A 180 -6.31 31.02 -12.58
CA TYR A 180 -6.37 32.46 -12.26
C TYR A 180 -5.09 33.22 -12.65
N PRO A 181 -4.74 33.29 -13.93
CA PRO A 181 -3.55 33.96 -14.38
C PRO A 181 -3.58 35.47 -14.21
N SER A 182 -2.44 36.07 -13.98
CA SER A 182 -2.35 37.54 -13.89
C SER A 182 -2.31 38.02 -15.34
N ASP A 183 -2.55 39.30 -15.58
CA ASP A 183 -2.47 39.88 -16.93
C ASP A 183 -1.04 39.73 -17.45
N ASP A 184 -0.02 39.83 -16.60
CA ASP A 184 1.35 39.61 -16.95
C ASP A 184 1.53 38.18 -17.48
N ASP A 185 0.98 37.21 -16.71
CA ASP A 185 1.07 35.81 -17.08
C ASP A 185 0.51 35.60 -18.49
N LEU A 186 -0.69 36.14 -18.67
CA LEU A 186 -1.37 36.02 -19.95
C LEU A 186 -0.54 36.64 -21.07
N GLN A 187 -0.03 37.86 -20.83
CA GLN A 187 0.74 38.52 -21.86
C GLN A 187 1.98 37.75 -22.25
N ARG A 188 2.76 37.24 -21.34
CA ARG A 188 3.93 36.43 -21.67
C ARG A 188 3.51 35.13 -22.38
N ALA A 189 2.41 34.49 -21.95
CA ALA A 189 2.01 33.25 -22.62
C ALA A 189 1.69 33.55 -24.08
N VAL A 190 0.89 34.57 -24.33
CA VAL A 190 0.46 34.98 -25.65
C VAL A 190 1.60 35.32 -26.60
N GLU A 191 2.62 35.99 -26.08
CA GLU A 191 3.78 36.37 -26.87
C GLU A 191 4.50 35.10 -27.34
N ARG A 192 4.69 34.15 -26.41
CA ARG A 192 5.28 32.87 -26.79
C ARG A 192 4.39 32.13 -27.80
N ILE A 193 3.07 32.13 -27.62
CA ILE A 193 2.18 31.53 -28.60
C ILE A 193 2.47 32.19 -29.96
N TYR A 194 2.54 33.51 -30.04
CA TYR A 194 2.76 34.20 -31.30
C TYR A 194 4.14 33.95 -31.91
N GLN A 195 5.24 34.00 -31.17
CA GLN A 195 6.54 33.71 -31.76
C GLN A 195 6.64 32.26 -32.26
N ALA A 196 5.92 31.31 -31.68
CA ALA A 196 5.98 29.93 -32.12
C ALA A 196 5.34 29.69 -33.47
N ARG A 197 4.42 30.54 -33.94
CA ARG A 197 3.84 30.37 -35.26
C ARG A 197 3.25 28.99 -35.52
N ALA A 198 2.23 28.61 -34.74
CA ALA A 198 1.63 27.30 -34.96
C ALA A 198 0.48 27.35 -35.96
N ASP A 199 0.13 26.17 -36.45
CA ASP A 199 -1.05 26.07 -37.30
C ASP A 199 -2.24 25.98 -36.36
N VAL A 200 -2.07 25.34 -35.21
CA VAL A 200 -3.14 25.20 -34.24
C VAL A 200 -2.62 25.35 -32.81
N VAL A 201 -3.48 25.99 -32.01
CA VAL A 201 -3.27 26.19 -30.62
C VAL A 201 -4.10 25.13 -29.89
N PHE A 202 -3.40 24.31 -29.11
CA PHE A 202 -4.16 23.28 -28.35
C PHE A 202 -4.31 23.77 -26.92
N SER A 203 -5.50 24.17 -26.50
CA SER A 203 -5.67 24.70 -25.14
C SER A 203 -6.32 23.76 -24.14
N THR A 204 -5.73 23.66 -22.96
CA THR A 204 -6.20 22.96 -21.78
C THR A 204 -6.30 23.96 -20.60
N VAL A 205 -6.53 25.22 -20.94
CA VAL A 205 -6.67 26.30 -19.94
C VAL A 205 -8.04 26.15 -19.30
N VAL A 206 -8.16 26.15 -17.99
CA VAL A 206 -9.39 25.90 -17.27
C VAL A 206 -9.83 27.08 -16.45
N GLY A 207 -11.10 27.43 -16.55
CA GLY A 207 -11.73 28.44 -15.77
C GLY A 207 -11.43 29.87 -16.10
N THR A 208 -11.49 30.72 -15.08
CA THR A 208 -11.32 32.16 -15.24
C THR A 208 -9.97 32.50 -15.84
N GLY A 209 -10.08 33.33 -16.88
CA GLY A 209 -8.83 33.66 -17.59
C GLY A 209 -8.90 32.96 -18.95
N THR A 210 -9.74 31.96 -19.19
CA THR A 210 -9.90 31.43 -20.54
C THR A 210 -10.37 32.51 -21.52
N ALA A 211 -11.41 33.28 -21.22
CA ALA A 211 -11.93 34.28 -22.13
C ALA A 211 -10.85 35.30 -22.51
N GLU A 212 -10.20 35.81 -21.46
CA GLU A 212 -9.15 36.79 -21.63
C GLU A 212 -7.99 36.25 -22.46
N LEU A 213 -7.57 35.00 -22.24
CA LEU A 213 -6.54 34.36 -23.02
C LEU A 213 -6.88 34.37 -24.51
N TYR A 214 -8.07 33.92 -24.89
CA TYR A 214 -8.53 33.85 -26.25
C TYR A 214 -8.64 35.24 -26.93
N ARG A 215 -9.02 36.27 -26.18
CA ARG A 215 -9.14 37.64 -26.63
C ARG A 215 -7.72 38.18 -26.87
N ALA A 216 -6.81 37.88 -25.94
CA ALA A 216 -5.42 38.32 -26.09
C ALA A 216 -4.73 37.60 -27.24
N ILE A 217 -5.09 36.36 -27.57
CA ILE A 217 -4.50 35.71 -28.73
C ILE A 217 -5.04 36.44 -29.97
N ALA A 218 -6.33 36.68 -29.99
CA ALA A 218 -7.00 37.33 -31.12
C ALA A 218 -6.39 38.69 -31.42
N ARG A 219 -6.14 39.50 -30.40
CA ARG A 219 -5.62 40.85 -30.54
C ARG A 219 -4.13 40.89 -30.82
N ARG A 220 -3.37 39.89 -30.40
CA ARG A 220 -1.95 39.81 -30.69
C ARG A 220 -1.68 39.68 -32.19
N TYR A 221 -2.58 39.03 -32.91
CA TYR A 221 -2.47 38.79 -34.32
C TYR A 221 -3.17 39.89 -35.12
N GLY A 222 -4.05 40.63 -34.44
CA GLY A 222 -4.81 41.66 -35.13
C GLY A 222 -5.52 40.98 -36.32
N ASP A 223 -5.34 41.62 -37.47
CA ASP A 223 -5.80 41.02 -38.73
C ASP A 223 -4.61 40.18 -39.21
N GLY A 224 -4.86 39.21 -40.05
CA GLY A 224 -3.78 38.30 -40.50
C GLY A 224 -4.25 36.92 -40.00
N ARG A 225 -3.96 35.88 -40.76
CA ARG A 225 -4.42 34.57 -40.31
C ARG A 225 -3.84 34.31 -38.92
N ARG A 226 -4.76 33.99 -38.02
CA ARG A 226 -4.42 33.60 -36.65
C ARG A 226 -4.80 32.12 -36.63
N PRO A 227 -3.97 31.32 -35.99
CA PRO A 227 -4.26 29.88 -35.90
C PRO A 227 -5.48 29.70 -35.00
N PRO A 228 -6.30 28.73 -35.31
CA PRO A 228 -7.48 28.43 -34.51
C PRO A 228 -7.07 27.74 -33.19
N ILE A 229 -7.90 27.89 -32.18
CA ILE A 229 -7.72 27.30 -30.87
C ILE A 229 -8.64 26.08 -30.73
N ALA A 230 -8.03 24.92 -30.47
CA ALA A 230 -8.79 23.70 -30.21
C ALA A 230 -8.57 23.42 -28.71
N SER A 231 -9.65 23.05 -28.06
CA SER A 231 -9.66 22.84 -26.65
C SER A 231 -10.52 21.66 -26.22
N LEU A 232 -10.00 21.02 -25.17
CA LEU A 232 -10.56 19.91 -24.48
C LEU A 232 -11.32 20.45 -23.26
N THR A 233 -11.04 21.67 -22.86
CA THR A 233 -11.58 22.23 -21.64
C THR A 233 -12.56 23.36 -21.77
N THR A 234 -12.36 24.30 -22.69
CA THR A 234 -13.30 25.41 -22.85
C THR A 234 -14.74 24.95 -22.95
N SER A 235 -15.65 25.50 -22.15
CA SER A 235 -17.05 25.08 -22.27
C SER A 235 -17.85 26.25 -22.85
N GLU A 236 -19.17 26.11 -22.86
CA GLU A 236 -20.11 27.13 -23.32
C GLU A 236 -20.10 28.35 -22.40
N ALA A 237 -19.85 28.09 -21.11
CA ALA A 237 -19.82 29.19 -20.16
C ALA A 237 -18.66 30.17 -20.42
N GLU A 238 -17.50 29.69 -20.88
CA GLU A 238 -16.37 30.55 -21.18
C GLU A 238 -16.60 31.27 -22.52
N VAL A 239 -17.18 30.52 -23.47
CA VAL A 239 -17.46 31.08 -24.78
C VAL A 239 -18.46 32.21 -24.65
N ALA A 240 -19.44 32.12 -23.72
CA ALA A 240 -20.39 33.22 -23.57
C ALA A 240 -19.73 34.49 -23.08
N LYS A 241 -18.58 34.45 -22.42
CA LYS A 241 -17.87 35.64 -21.99
C LYS A 241 -17.02 36.18 -23.14
N MET A 242 -16.94 35.55 -24.31
CA MET A 242 -16.13 36.03 -25.41
C MET A 242 -16.94 36.86 -26.40
N GLU A 243 -16.28 37.79 -27.10
CA GLU A 243 -16.97 38.51 -28.18
C GLU A 243 -16.98 37.57 -29.38
N SER A 244 -18.06 37.66 -30.16
CA SER A 244 -18.31 36.87 -31.34
C SER A 244 -17.16 36.58 -32.27
N ASP A 245 -16.37 37.60 -32.58
CA ASP A 245 -15.25 37.42 -33.51
C ASP A 245 -14.07 36.78 -32.82
N VAL A 246 -14.02 36.86 -31.49
CA VAL A 246 -12.91 36.21 -30.77
C VAL A 246 -13.20 34.72 -30.75
N ALA A 247 -14.45 34.34 -30.58
CA ALA A 247 -14.86 32.95 -30.49
C ALA A 247 -14.97 32.21 -31.82
N GLU A 248 -15.15 32.94 -32.91
CA GLU A 248 -15.38 32.36 -34.23
C GLU A 248 -14.27 31.42 -34.63
N GLY A 249 -14.54 30.25 -35.20
CA GLY A 249 -13.50 29.35 -35.63
C GLY A 249 -12.92 28.44 -34.58
N GLN A 250 -13.21 28.62 -33.29
CA GLN A 250 -12.63 27.75 -32.27
C GLN A 250 -13.34 26.41 -32.15
N VAL A 251 -12.54 25.42 -31.77
CA VAL A 251 -13.01 24.05 -31.68
C VAL A 251 -13.03 23.54 -30.25
N VAL A 252 -14.18 22.94 -29.90
CA VAL A 252 -14.39 22.44 -28.55
C VAL A 252 -14.94 21.03 -28.69
N VAL A 253 -14.84 20.24 -27.65
CA VAL A 253 -15.26 18.83 -27.63
C VAL A 253 -16.14 18.59 -26.42
N ALA A 254 -17.15 17.74 -26.52
CA ALA A 254 -18.04 17.43 -25.43
C ALA A 254 -19.07 16.40 -25.89
N PRO A 255 -19.66 15.69 -24.94
CA PRO A 255 -20.74 14.76 -25.20
C PRO A 255 -21.99 15.53 -25.61
N TYR A 256 -22.15 16.76 -25.17
CA TYR A 256 -23.34 17.56 -25.36
C TYR A 256 -23.02 18.98 -25.76
N PHE A 257 -23.79 19.57 -26.67
CA PHE A 257 -23.73 21.01 -26.97
C PHE A 257 -25.18 21.50 -26.97
N SER A 258 -25.43 22.73 -26.54
CA SER A 258 -26.81 23.22 -26.45
C SER A 258 -27.48 23.39 -27.81
N SER A 259 -26.78 23.32 -28.93
CA SER A 259 -27.33 23.49 -30.25
C SER A 259 -27.87 22.16 -30.78
N ILE A 260 -27.72 21.03 -30.08
CA ILE A 260 -28.20 19.76 -30.63
C ILE A 260 -29.68 19.94 -30.92
N ASP A 261 -30.16 19.49 -32.06
CA ASP A 261 -31.59 19.61 -32.38
C ASP A 261 -32.27 18.24 -32.36
N THR A 262 -32.51 17.76 -31.16
CA THR A 262 -33.19 16.50 -30.94
C THR A 262 -34.25 16.91 -29.91
N PRO A 263 -35.31 16.15 -29.81
CA PRO A 263 -36.37 16.43 -28.84
C PRO A 263 -35.87 16.43 -27.41
N ALA A 264 -35.01 15.50 -27.02
CA ALA A 264 -34.42 15.48 -25.69
C ALA A 264 -33.50 16.68 -25.43
N SER A 265 -32.75 17.11 -26.44
CA SER A 265 -31.89 18.26 -26.25
C SER A 265 -32.72 19.53 -26.08
N ARG A 266 -33.82 19.66 -26.86
CA ARG A 266 -34.64 20.88 -26.80
C ARG A 266 -35.43 20.88 -25.48
N ALA A 267 -35.83 19.71 -24.99
CA ALA A 267 -36.49 19.71 -23.69
C ALA A 267 -35.49 20.24 -22.64
N PHE A 268 -34.23 19.76 -22.70
CA PHE A 268 -33.24 20.21 -21.73
C PHE A 268 -32.99 21.70 -21.82
N VAL A 269 -32.70 22.27 -22.97
CA VAL A 269 -32.51 23.71 -23.14
C VAL A 269 -33.64 24.54 -22.54
N GLN A 270 -34.88 24.18 -22.81
CA GLN A 270 -36.06 24.87 -22.25
C GLN A 270 -36.18 24.65 -20.74
N ALA A 271 -35.84 23.46 -20.23
CA ALA A 271 -35.87 23.34 -18.78
C ALA A 271 -34.79 24.26 -18.23
N CYS A 272 -33.59 24.30 -18.81
CA CYS A 272 -32.55 25.18 -18.25
C CYS A 272 -32.96 26.64 -18.32
N HIS A 273 -33.48 27.09 -19.44
CA HIS A 273 -33.88 28.50 -19.62
C HIS A 273 -34.95 28.82 -18.58
N GLY A 274 -35.89 27.95 -18.26
CA GLY A 274 -36.83 28.30 -17.21
C GLY A 274 -36.30 28.12 -15.79
N PHE A 275 -35.14 27.52 -15.54
CA PHE A 275 -34.72 27.26 -14.17
C PHE A 275 -33.41 27.94 -13.81
N PHE A 276 -32.54 28.14 -14.79
CA PHE A 276 -31.23 28.70 -14.46
C PHE A 276 -31.35 30.19 -14.20
N PRO A 277 -30.61 30.66 -13.20
CA PRO A 277 -30.49 32.12 -12.95
C PRO A 277 -29.70 32.64 -14.12
N GLU A 278 -29.66 33.93 -14.42
CA GLU A 278 -28.90 34.49 -15.52
C GLU A 278 -27.39 34.31 -15.47
N ASN A 279 -26.78 34.20 -14.30
CA ASN A 279 -25.34 34.02 -14.21
C ASN A 279 -24.92 32.56 -14.33
N ALA A 280 -25.75 31.68 -14.82
CA ALA A 280 -25.48 30.27 -15.00
C ALA A 280 -25.72 29.81 -16.44
N THR A 281 -24.70 29.59 -17.23
CA THR A 281 -24.80 29.15 -18.61
C THR A 281 -24.94 27.63 -18.73
N ILE A 282 -25.79 27.11 -19.61
CA ILE A 282 -25.97 25.72 -19.89
C ILE A 282 -24.65 25.16 -20.40
N THR A 283 -24.19 24.00 -19.96
CA THR A 283 -22.91 23.49 -20.47
C THR A 283 -23.03 21.97 -20.60
N ALA A 284 -21.98 21.30 -21.08
CA ALA A 284 -21.97 19.85 -21.15
C ALA A 284 -21.94 19.24 -19.74
N TRP A 285 -21.35 19.98 -18.78
CA TRP A 285 -21.21 19.44 -17.43
C TRP A 285 -22.52 19.66 -16.66
N ALA A 286 -23.34 20.63 -17.05
CA ALA A 286 -24.67 20.76 -16.45
C ALA A 286 -25.48 19.57 -16.94
N GLU A 287 -25.35 19.18 -18.21
CA GLU A 287 -26.07 18.05 -18.83
C GLU A 287 -25.62 16.78 -18.14
N ALA A 288 -24.29 16.70 -17.88
CA ALA A 288 -23.80 15.51 -17.20
C ALA A 288 -24.35 15.44 -15.79
N ALA A 289 -24.32 16.54 -15.04
CA ALA A 289 -24.80 16.54 -13.66
C ALA A 289 -26.30 16.26 -13.64
N TYR A 290 -27.00 16.81 -14.65
CA TYR A 290 -28.42 16.51 -14.79
C TYR A 290 -28.73 15.04 -14.99
N TRP A 291 -28.18 14.36 -16.01
CA TRP A 291 -28.54 12.98 -16.27
C TRP A 291 -28.07 12.09 -15.10
N GLN A 292 -26.91 12.39 -14.50
CA GLN A 292 -26.46 11.56 -13.38
C GLN A 292 -27.40 11.66 -12.19
N THR A 293 -27.86 12.87 -11.87
CA THR A 293 -28.75 13.01 -10.72
C THR A 293 -30.09 12.31 -10.95
N LEU A 294 -30.61 12.42 -12.17
CA LEU A 294 -31.83 11.74 -12.59
C LEU A 294 -31.67 10.22 -12.48
N LEU A 295 -30.52 9.74 -12.97
CA LEU A 295 -30.25 8.32 -12.92
C LEU A 295 -30.35 7.88 -11.47
N LEU A 296 -29.69 8.63 -10.59
CA LEU A 296 -29.63 8.34 -9.17
C LEU A 296 -30.99 8.31 -8.47
N GLY A 297 -31.82 9.31 -8.67
CA GLY A 297 -33.17 9.36 -8.16
C GLY A 297 -34.02 8.22 -8.71
N ARG A 298 -33.88 7.88 -10.00
CA ARG A 298 -34.63 6.76 -10.55
C ARG A 298 -34.14 5.45 -9.98
N ALA A 299 -32.81 5.33 -9.80
CA ALA A 299 -32.30 4.10 -9.22
C ALA A 299 -32.87 4.02 -7.82
N ALA A 300 -32.92 5.12 -7.07
CA ALA A 300 -33.51 5.10 -5.74
C ALA A 300 -34.99 4.68 -5.76
N GLN A 301 -35.76 5.25 -6.69
CA GLN A 301 -37.16 4.82 -6.81
C GLN A 301 -37.21 3.32 -7.09
N ALA A 302 -36.37 2.77 -7.96
CA ALA A 302 -36.41 1.33 -8.19
C ALA A 302 -36.00 0.51 -6.96
N ALA A 303 -35.02 0.96 -6.17
CA ALA A 303 -34.62 0.21 -4.99
C ALA A 303 -35.70 0.29 -3.89
N GLY A 304 -36.47 1.36 -3.90
CA GLY A 304 -37.51 1.60 -2.93
C GLY A 304 -37.03 2.23 -1.63
N ASN A 305 -35.78 2.64 -1.56
CA ASN A 305 -35.16 3.18 -0.36
C ASN A 305 -33.98 4.10 -0.73
N TRP A 306 -33.27 4.59 0.27
CA TRP A 306 -32.17 5.53 0.05
C TRP A 306 -30.83 5.05 0.58
N ARG A 307 -30.60 3.75 0.61
CA ARG A 307 -29.34 3.11 0.98
C ARG A 307 -28.39 2.92 -0.18
N VAL A 308 -27.11 3.28 0.01
CA VAL A 308 -26.15 3.20 -1.08
C VAL A 308 -26.17 1.84 -1.79
N GLU A 309 -26.01 0.73 -1.07
CA GLU A 309 -25.94 -0.58 -1.66
C GLU A 309 -27.11 -0.92 -2.57
N ASP A 310 -28.34 -0.63 -2.16
CA ASP A 310 -29.55 -0.89 -2.92
C ASP A 310 -29.73 0.03 -4.13
N VAL A 311 -29.51 1.31 -3.97
CA VAL A 311 -29.58 2.30 -5.02
C VAL A 311 -28.47 2.04 -6.03
N GLN A 312 -27.22 1.90 -5.55
CA GLN A 312 -26.11 1.68 -6.47
C GLN A 312 -26.35 0.46 -7.37
N ARG A 313 -26.83 -0.64 -6.84
CA ARG A 313 -27.10 -1.87 -7.61
C ARG A 313 -27.91 -1.62 -8.87
N HIS A 314 -29.06 -1.00 -8.68
CA HIS A 314 -30.05 -0.58 -9.62
C HIS A 314 -29.63 0.48 -10.60
N LEU A 315 -28.52 1.18 -10.39
CA LEU A 315 -28.09 2.25 -11.29
C LEU A 315 -27.29 1.74 -12.47
N TYR A 316 -26.76 0.52 -12.38
CA TYR A 316 -25.92 -0.08 -13.41
C TYR A 316 -26.77 -0.72 -14.51
N ASP A 317 -28.02 -0.96 -14.15
CA ASP A 317 -29.08 -1.48 -14.97
C ASP A 317 -30.08 -0.49 -15.55
N ILE A 318 -30.06 0.81 -15.25
CA ILE A 318 -31.02 1.72 -15.85
C ILE A 318 -30.41 2.56 -16.98
N ASP A 319 -31.04 2.53 -18.16
CA ASP A 319 -30.55 3.38 -19.24
C ASP A 319 -31.31 4.71 -19.11
N ILE A 320 -30.55 5.73 -19.49
CA ILE A 320 -31.16 7.05 -19.42
C ILE A 320 -31.15 7.65 -20.82
N ASP A 321 -32.28 8.21 -21.21
CA ASP A 321 -32.31 8.97 -22.47
C ASP A 321 -31.87 10.35 -21.99
N ALA A 322 -30.60 10.67 -22.14
CA ALA A 322 -30.13 11.96 -21.62
C ALA A 322 -30.37 12.96 -22.72
N PRO A 323 -30.16 14.24 -22.46
CA PRO A 323 -30.28 15.25 -23.51
C PRO A 323 -29.24 15.02 -24.60
N GLN A 324 -28.08 14.44 -24.26
CA GLN A 324 -27.03 14.13 -25.19
C GLN A 324 -27.32 12.90 -26.04
N GLY A 325 -28.15 11.99 -25.58
CA GLY A 325 -28.28 10.69 -26.27
C GLY A 325 -28.42 9.67 -25.14
N PRO A 326 -28.40 8.39 -25.51
CA PRO A 326 -28.58 7.33 -24.52
C PRO A 326 -27.27 7.16 -23.77
N VAL A 327 -27.34 7.03 -22.45
CA VAL A 327 -26.20 6.83 -21.61
C VAL A 327 -26.48 5.68 -20.66
N ARG A 328 -25.39 5.04 -20.23
CA ARG A 328 -25.46 4.01 -19.21
C ARG A 328 -24.10 3.95 -18.49
N VAL A 329 -24.16 3.46 -17.27
CA VAL A 329 -23.01 3.34 -16.42
C VAL A 329 -22.63 1.87 -16.39
N GLU A 330 -21.42 1.51 -16.67
CA GLU A 330 -20.98 0.13 -16.73
C GLU A 330 -20.56 -0.34 -15.36
N ARG A 331 -21.19 -1.39 -14.86
CA ARG A 331 -20.85 -1.96 -13.56
C ARG A 331 -19.38 -2.35 -13.57
N GLN A 332 -18.74 -2.81 -14.63
CA GLN A 332 -17.35 -3.19 -14.56
C GLN A 332 -16.42 -2.06 -14.14
N ASN A 333 -16.69 -0.80 -14.40
CA ASN A 333 -15.72 0.22 -14.05
C ASN A 333 -16.28 1.52 -13.55
N ASN A 334 -17.61 1.57 -13.38
CA ASN A 334 -18.23 2.82 -12.88
C ASN A 334 -18.11 3.96 -13.89
N HIS A 335 -17.60 3.76 -15.09
CA HIS A 335 -17.55 4.91 -16.01
C HIS A 335 -18.77 4.83 -16.91
N SER A 336 -19.00 5.79 -17.78
CA SER A 336 -20.20 5.80 -18.59
C SER A 336 -20.05 5.66 -20.09
N ARG A 337 -21.08 5.09 -20.72
CA ARG A 337 -21.08 5.06 -22.20
C ARG A 337 -21.57 6.43 -22.68
N LEU A 338 -20.74 7.21 -23.34
CA LEU A 338 -21.07 8.56 -23.71
C LEU A 338 -20.95 8.95 -25.18
N SER A 339 -21.84 9.88 -25.59
CA SER A 339 -21.75 10.45 -26.92
C SER A 339 -20.49 11.30 -26.95
N SER A 340 -20.07 11.73 -28.14
CA SER A 340 -18.84 12.50 -28.26
C SER A 340 -18.89 13.38 -29.49
N ARG A 341 -18.80 14.69 -29.31
CA ARG A 341 -19.00 15.64 -30.41
C ARG A 341 -17.87 16.66 -30.46
N ILE A 342 -17.52 17.08 -31.67
CA ILE A 342 -16.47 18.09 -31.85
C ILE A 342 -17.18 19.22 -32.55
N ALA A 343 -17.12 20.44 -32.02
CA ALA A 343 -17.82 21.55 -32.66
C ALA A 343 -16.90 22.71 -32.96
N GLU A 344 -17.34 23.51 -33.89
CA GLU A 344 -16.67 24.71 -34.38
C GLU A 344 -17.58 25.89 -34.08
N ILE A 345 -17.10 26.94 -33.44
CA ILE A 345 -18.02 28.04 -33.16
C ILE A 345 -18.17 28.91 -34.41
N ASP A 346 -19.40 29.32 -34.70
CA ASP A 346 -19.59 30.23 -35.85
C ASP A 346 -19.53 31.67 -35.35
N ALA A 347 -19.77 32.60 -36.25
CA ALA A 347 -19.78 34.04 -36.05
C ALA A 347 -20.87 34.55 -35.13
N ARG A 348 -21.79 33.69 -34.72
CA ARG A 348 -22.87 34.12 -33.84
C ARG A 348 -22.86 33.42 -32.50
N GLY A 349 -21.69 32.83 -32.22
CA GLY A 349 -21.44 32.13 -30.97
C GLY A 349 -22.11 30.77 -30.90
N VAL A 350 -22.55 30.21 -32.03
CA VAL A 350 -23.23 28.92 -31.87
C VAL A 350 -22.31 27.78 -32.31
N PHE A 351 -22.45 26.73 -31.50
CA PHE A 351 -21.68 25.51 -31.61
C PHE A 351 -22.23 24.63 -32.72
N GLN A 352 -21.54 24.63 -33.84
CA GLN A 352 -21.87 23.80 -34.99
C GLN A 352 -21.16 22.46 -34.88
N VAL A 353 -21.88 21.38 -34.70
CA VAL A 353 -21.31 20.04 -34.56
C VAL A 353 -20.78 19.61 -35.91
N ARG A 354 -19.52 19.23 -36.04
CA ARG A 354 -18.87 18.85 -37.27
C ARG A 354 -18.55 17.36 -37.30
N TRP A 355 -18.64 16.76 -36.12
CA TRP A 355 -18.34 15.35 -36.00
C TRP A 355 -18.95 14.84 -34.71
N GLN A 356 -19.51 13.64 -34.77
CA GLN A 356 -20.06 12.99 -33.60
C GLN A 356 -19.73 11.51 -33.72
N SER A 357 -19.38 10.84 -32.62
CA SER A 357 -19.14 9.42 -32.72
C SER A 357 -20.44 8.78 -33.18
N PRO A 358 -20.35 7.81 -34.07
CA PRO A 358 -21.51 7.10 -34.61
C PRO A 358 -22.39 6.53 -33.52
N GLU A 359 -21.80 5.99 -32.46
CA GLU A 359 -22.55 5.43 -31.34
C GLU A 359 -21.81 5.83 -30.06
N PRO A 360 -22.46 5.79 -28.90
CA PRO A 360 -21.81 6.15 -27.65
C PRO A 360 -20.46 5.42 -27.54
N ILE A 361 -19.42 6.06 -27.01
CA ILE A 361 -18.10 5.44 -26.89
C ILE A 361 -18.04 4.73 -25.53
N ARG A 362 -17.63 3.48 -25.53
CA ARG A 362 -17.50 2.75 -24.26
C ARG A 362 -16.26 3.26 -23.55
N PRO A 363 -16.26 3.45 -22.25
CA PRO A 363 -15.11 3.97 -21.53
C PRO A 363 -14.06 2.90 -21.26
N ASP A 364 -12.81 3.32 -21.47
CA ASP A 364 -11.62 2.49 -21.26
C ASP A 364 -10.57 3.41 -20.64
N PRO A 365 -10.69 3.74 -19.37
CA PRO A 365 -9.87 4.77 -18.75
C PRO A 365 -8.40 4.45 -18.57
N TYR A 366 -8.02 3.19 -18.53
CA TYR A 366 -6.62 2.80 -18.38
C TYR A 366 -5.94 2.57 -19.72
N VAL A 367 -6.60 2.76 -20.86
CA VAL A 367 -5.90 2.49 -22.12
C VAL A 367 -4.74 3.51 -22.26
N VAL A 368 -3.57 3.02 -22.55
CA VAL A 368 -2.38 3.85 -22.75
C VAL A 368 -2.26 4.22 -24.23
N VAL A 369 -2.31 3.21 -25.13
CA VAL A 369 -2.13 3.45 -26.54
C VAL A 369 -3.46 3.74 -27.22
N HIS A 370 -3.64 5.02 -27.58
CA HIS A 370 -4.82 5.42 -28.33
C HIS A 370 -4.58 5.19 -29.83
N ASN A 371 -5.35 4.28 -30.39
CA ASN A 371 -5.24 4.04 -31.83
C ASN A 371 -6.17 4.97 -32.60
N LEU A 372 -5.66 6.06 -33.14
CA LEU A 372 -6.42 7.06 -33.88
C LEU A 372 -7.07 6.58 -35.16
N ASP A 373 -6.61 5.43 -35.67
CA ASP A 373 -7.15 4.71 -36.78
C ASP A 373 -8.59 4.34 -36.50
N ASP A 374 -8.92 4.16 -35.21
CA ASP A 374 -10.29 3.89 -34.81
C ASP A 374 -11.28 4.91 -35.39
N TRP A 375 -10.91 6.17 -35.53
CA TRP A 375 -11.77 7.24 -35.96
C TRP A 375 -11.72 7.59 -37.45
N SER A 376 -10.78 6.99 -38.18
CA SER A 376 -10.60 7.32 -39.59
C SER A 376 -11.84 7.10 -40.42
N ALA A 377 -12.58 6.01 -40.26
CA ALA A 377 -13.79 5.73 -40.99
C ALA A 377 -14.93 6.71 -40.75
N SER A 378 -15.13 7.26 -39.54
CA SER A 378 -16.25 8.17 -39.34
C SER A 378 -15.89 9.62 -39.49
N MET A 379 -14.65 9.88 -39.85
CA MET A 379 -14.17 11.23 -40.05
C MET A 379 -13.81 11.45 -41.52
N ARG B 7 -25.02 9.07 21.93
CA ARG B 7 -25.23 7.90 22.84
C ARG B 7 -23.92 7.30 23.31
N PRO B 8 -23.65 7.30 24.61
CA PRO B 8 -22.46 6.69 25.20
C PRO B 8 -22.63 5.18 25.15
N LEU B 9 -22.30 4.56 24.03
CA LEU B 9 -22.47 3.14 23.82
C LEU B 9 -21.14 2.48 23.48
N ILE B 10 -20.70 1.53 24.32
CA ILE B 10 -19.46 0.85 24.03
C ILE B 10 -19.77 -0.50 23.40
N GLY B 11 -19.19 -0.79 22.23
CA GLY B 11 -19.40 -2.09 21.59
C GLY B 11 -18.33 -3.06 22.14
N LEU B 12 -18.70 -4.21 22.65
CA LEU B 12 -17.77 -5.21 23.18
C LEU B 12 -17.58 -6.35 22.19
N LEU B 13 -16.43 -6.51 21.57
CA LEU B 13 -16.22 -7.59 20.60
C LEU B 13 -15.38 -8.74 21.17
N PHE B 14 -15.98 -9.54 22.03
CA PHE B 14 -15.28 -10.68 22.62
C PHE B 14 -16.04 -11.99 22.38
N SER B 15 -15.34 -13.02 21.95
CA SER B 15 -15.98 -14.31 21.76
C SER B 15 -16.62 -14.84 23.03
N GLU B 16 -17.71 -15.56 22.87
CA GLU B 16 -18.37 -16.26 23.96
C GLU B 16 -18.16 -17.76 23.82
N THR B 17 -18.01 -18.14 22.55
CA THR B 17 -17.78 -19.48 22.09
C THR B 17 -16.47 -19.51 21.27
N GLY B 18 -15.92 -20.70 21.02
CA GLY B 18 -14.73 -20.84 20.24
C GLY B 18 -13.47 -21.09 21.05
N VAL B 19 -12.34 -21.32 20.37
CA VAL B 19 -11.06 -21.62 20.95
C VAL B 19 -10.60 -20.70 22.06
N THR B 20 -10.88 -19.40 22.04
CA THR B 20 -10.36 -18.54 23.10
C THR B 20 -11.49 -17.99 23.96
N ALA B 21 -12.63 -18.65 23.96
CA ALA B 21 -13.82 -18.27 24.71
C ALA B 21 -13.60 -17.97 26.18
N ASP B 22 -12.77 -18.75 26.86
CA ASP B 22 -12.50 -18.51 28.26
C ASP B 22 -11.83 -17.17 28.51
N ILE B 23 -10.65 -16.88 27.97
CA ILE B 23 -10.02 -15.60 28.19
C ILE B 23 -10.89 -14.45 27.68
N GLU B 24 -11.59 -14.59 26.54
CA GLU B 24 -12.38 -13.46 26.06
C GLU B 24 -13.65 -13.21 26.86
N ARG B 25 -14.16 -14.21 27.56
CA ARG B 25 -15.36 -14.01 28.39
C ARG B 25 -14.84 -13.22 29.58
N SER B 26 -13.62 -13.62 29.98
CA SER B 26 -12.90 -12.93 31.05
C SER B 26 -12.71 -11.45 30.70
N GLN B 27 -12.38 -11.17 29.42
CA GLN B 27 -12.22 -9.75 29.03
C GLN B 27 -13.56 -9.03 29.05
N ARG B 28 -14.61 -9.72 28.62
CA ARG B 28 -15.93 -9.11 28.55
C ARG B 28 -16.41 -8.65 29.92
N TYR B 29 -16.27 -9.51 30.94
CA TYR B 29 -16.68 -9.21 32.29
C TYR B 29 -15.80 -8.15 32.88
N GLY B 30 -14.50 -8.14 32.56
CA GLY B 30 -13.64 -7.06 33.08
C GLY B 30 -14.17 -5.71 32.55
N ALA B 31 -14.57 -5.68 31.28
CA ALA B 31 -15.04 -4.46 30.64
C ALA B 31 -16.39 -4.05 31.22
N LEU B 32 -17.26 -5.03 31.47
CA LEU B 32 -18.57 -4.82 32.07
C LEU B 32 -18.43 -4.32 33.50
N LEU B 33 -17.42 -4.87 34.20
CA LEU B 33 -17.15 -4.43 35.57
C LEU B 33 -16.85 -2.93 35.54
N ALA B 34 -16.00 -2.48 34.62
CA ALA B 34 -15.66 -1.08 34.50
C ALA B 34 -16.90 -0.21 34.20
N VAL B 35 -17.77 -0.66 33.32
CA VAL B 35 -18.93 0.13 32.90
C VAL B 35 -19.84 0.48 34.08
N GLU B 36 -20.05 -0.55 34.87
CA GLU B 36 -20.80 -0.56 36.11
C GLU B 36 -20.19 0.44 37.09
N GLN B 37 -18.88 0.42 37.23
CA GLN B 37 -18.19 1.34 38.13
C GLN B 37 -18.29 2.76 37.59
N LEU B 38 -18.11 2.97 36.29
CA LEU B 38 -18.27 4.26 35.66
C LEU B 38 -19.70 4.79 35.84
N ASN B 39 -20.71 3.93 35.75
CA ASN B 39 -22.09 4.34 35.92
C ASN B 39 -22.39 4.74 37.36
N ARG B 40 -21.63 4.24 38.34
CA ARG B 40 -21.77 4.67 39.71
C ARG B 40 -21.00 5.97 39.94
N GLU B 41 -20.11 6.35 39.03
CA GLU B 41 -19.34 7.58 39.13
C GLU B 41 -19.96 8.73 38.33
N GLY B 42 -21.16 8.56 37.81
CA GLY B 42 -21.87 9.63 37.11
C GLY B 42 -22.04 9.41 35.62
N GLY B 43 -21.74 8.19 35.16
CA GLY B 43 -21.85 7.89 33.73
C GLY B 43 -21.09 8.97 32.95
N VAL B 44 -21.61 9.28 31.76
CA VAL B 44 -20.97 10.26 30.88
C VAL B 44 -21.87 11.49 30.73
N GLY B 45 -21.67 12.41 31.69
CA GLY B 45 -22.41 13.67 31.68
C GLY B 45 -23.86 13.47 32.08
N GLY B 46 -24.11 12.60 33.06
CA GLY B 46 -25.46 12.32 33.49
C GLY B 46 -26.07 11.10 32.78
N ARG B 47 -25.66 10.84 31.55
CA ARG B 47 -26.15 9.69 30.81
C ARG B 47 -25.33 8.44 31.11
N PRO B 48 -26.01 7.34 31.39
CA PRO B 48 -25.36 6.09 31.72
C PRO B 48 -24.63 5.47 30.53
N ILE B 49 -23.53 4.78 30.80
CA ILE B 49 -22.79 4.16 29.69
C ILE B 49 -23.46 2.82 29.43
N GLU B 50 -23.81 2.57 28.17
CA GLU B 50 -24.44 1.35 27.73
C GLU B 50 -23.40 0.51 26.98
N THR B 51 -23.65 -0.77 26.80
CA THR B 51 -22.77 -1.68 26.11
C THR B 51 -23.63 -2.56 25.20
N LEU B 52 -22.97 -3.04 24.17
CA LEU B 52 -23.60 -3.94 23.20
C LEU B 52 -22.56 -5.04 22.94
N SER B 53 -22.95 -6.30 23.04
CA SER B 53 -22.09 -7.44 22.86
C SER B 53 -22.59 -8.40 21.77
N GLN B 54 -21.64 -8.94 21.04
CA GLN B 54 -21.97 -9.95 20.01
C GLN B 54 -20.89 -11.03 20.13
N ASP B 55 -21.20 -12.26 19.82
CA ASP B 55 -20.24 -13.35 19.92
C ASP B 55 -19.65 -13.76 18.58
N PRO B 56 -18.45 -13.33 18.25
CA PRO B 56 -17.81 -13.69 16.99
C PRO B 56 -17.19 -15.08 17.01
N GLY B 57 -17.18 -15.81 18.11
CA GLY B 57 -16.75 -17.20 18.16
C GLY B 57 -15.37 -17.52 17.66
N GLY B 58 -14.42 -16.61 17.88
CA GLY B 58 -13.03 -16.69 17.52
C GLY B 58 -12.74 -16.63 16.03
N ASP B 59 -13.77 -16.39 15.22
CA ASP B 59 -13.63 -16.32 13.79
C ASP B 59 -13.38 -14.88 13.34
N PRO B 60 -12.22 -14.64 12.73
CA PRO B 60 -11.87 -13.33 12.21
C PRO B 60 -12.92 -12.71 11.32
N ASP B 61 -13.56 -13.46 10.42
CA ASP B 61 -14.62 -12.92 9.58
C ASP B 61 -15.84 -12.53 10.40
N ARG B 62 -16.20 -13.30 11.43
CA ARG B 62 -17.31 -12.89 12.28
C ARG B 62 -16.95 -11.63 13.07
N TYR B 63 -15.69 -11.46 13.49
CA TYR B 63 -15.32 -10.23 14.18
C TYR B 63 -15.56 -9.04 13.24
N ARG B 64 -15.06 -9.19 12.02
CA ARG B 64 -15.26 -8.10 11.06
C ARG B 64 -16.75 -7.76 10.89
N LEU B 65 -17.59 -8.74 10.67
CA LEU B 65 -19.03 -8.59 10.52
C LEU B 65 -19.67 -7.95 11.74
N CYS B 66 -19.27 -8.38 12.96
CA CYS B 66 -19.81 -7.77 14.18
C CYS B 66 -19.37 -6.32 14.32
N ALA B 67 -18.10 -6.01 14.03
CA ALA B 67 -17.63 -4.64 14.05
C ALA B 67 -18.41 -3.78 13.05
N GLU B 68 -18.66 -4.30 11.86
CA GLU B 68 -19.41 -3.64 10.81
C GLU B 68 -20.88 -3.39 11.16
N ASP B 69 -21.53 -4.37 11.78
CA ASP B 69 -22.88 -4.21 12.27
C ASP B 69 -22.94 -3.06 13.27
N PHE B 70 -22.08 -3.13 14.28
CA PHE B 70 -22.02 -2.12 15.32
C PHE B 70 -21.82 -0.71 14.76
N ILE B 71 -20.78 -0.49 13.97
CA ILE B 71 -20.46 0.80 13.39
C ILE B 71 -21.47 1.32 12.37
N ARG B 72 -21.93 0.44 11.48
CA ARG B 72 -22.88 0.77 10.45
C ARG B 72 -24.31 0.93 10.95
N ASN B 73 -24.76 -0.06 11.74
CA ASN B 73 -26.17 -0.05 12.11
C ASN B 73 -26.44 0.37 13.54
N ARG B 74 -25.44 0.45 14.41
CA ARG B 74 -25.81 0.81 15.79
C ARG B 74 -25.21 2.12 16.22
N GLY B 75 -24.54 2.80 15.31
CA GLY B 75 -23.85 4.03 15.62
C GLY B 75 -22.69 3.89 16.59
N VAL B 76 -22.18 2.73 16.90
CA VAL B 76 -21.04 2.57 17.81
C VAL B 76 -19.73 3.16 17.29
N ARG B 77 -19.04 3.91 18.12
CA ARG B 77 -17.78 4.56 17.81
C ARG B 77 -16.68 4.22 18.80
N PHE B 78 -17.06 3.49 19.87
CA PHE B 78 -16.11 3.08 20.89
C PHE B 78 -16.30 1.58 21.12
N LEU B 79 -15.18 0.90 20.86
CA LEU B 79 -15.19 -0.56 20.93
C LEU B 79 -14.11 -1.08 21.86
N VAL B 80 -14.40 -2.22 22.47
CA VAL B 80 -13.43 -2.91 23.34
C VAL B 80 -13.48 -4.35 22.85
N GLY B 81 -12.36 -4.96 22.46
CA GLY B 81 -12.50 -6.33 21.93
C GLY B 81 -11.23 -6.84 21.28
N CYS B 82 -11.34 -8.01 20.73
CA CYS B 82 -10.34 -8.73 19.96
C CYS B 82 -9.26 -9.39 20.82
N TYR B 83 -8.84 -10.59 20.38
CA TYR B 83 -7.78 -11.24 21.17
C TYR B 83 -6.71 -11.74 20.21
N MET B 84 -6.90 -12.84 19.52
CA MET B 84 -5.94 -13.41 18.59
C MET B 84 -5.70 -12.36 17.49
N SER B 85 -4.44 -12.14 17.13
CA SER B 85 -4.03 -11.04 16.29
C SER B 85 -4.72 -10.90 14.96
N HIS B 86 -5.02 -12.03 14.33
CA HIS B 86 -5.77 -11.95 13.07
C HIS B 86 -7.20 -11.46 13.29
N THR B 87 -7.76 -11.52 14.50
CA THR B 87 -9.10 -11.00 14.75
C THR B 87 -9.00 -9.47 14.88
N ARG B 88 -7.85 -8.99 15.38
CA ARG B 88 -7.56 -7.57 15.46
C ARG B 88 -7.34 -7.01 14.05
N LYS B 89 -6.60 -7.72 13.19
CA LYS B 89 -6.38 -7.32 11.82
C LYS B 89 -7.67 -7.23 11.02
N ALA B 90 -8.62 -8.13 11.22
CA ALA B 90 -9.91 -8.13 10.55
C ALA B 90 -10.78 -6.96 10.96
N VAL B 91 -10.71 -6.49 12.20
CA VAL B 91 -11.50 -5.35 12.68
C VAL B 91 -10.84 -4.00 12.42
N MET B 92 -9.51 -3.89 12.50
CA MET B 92 -8.77 -2.66 12.38
C MET B 92 -9.25 -1.75 11.27
N PRO B 93 -9.30 -2.18 10.01
CA PRO B 93 -9.73 -1.36 8.91
C PRO B 93 -11.13 -0.76 9.05
N VAL B 94 -12.08 -1.44 9.66
CA VAL B 94 -13.44 -0.99 9.84
C VAL B 94 -13.46 0.19 10.81
N VAL B 95 -12.77 0.00 11.93
CA VAL B 95 -12.68 1.08 12.90
C VAL B 95 -11.94 2.27 12.31
N GLU B 96 -10.83 2.09 11.61
CA GLU B 96 -10.13 3.22 11.01
C GLU B 96 -11.00 3.93 9.99
N ARG B 97 -11.69 3.19 9.09
CA ARG B 97 -12.55 3.94 8.16
C ARG B 97 -13.69 4.69 8.87
N ALA B 98 -14.19 4.24 10.00
CA ALA B 98 -15.30 4.95 10.64
C ALA B 98 -14.84 6.01 11.61
N ASP B 99 -13.52 6.17 11.79
CA ASP B 99 -12.98 7.11 12.75
C ASP B 99 -13.43 6.73 14.17
N ALA B 100 -13.51 5.46 14.47
CA ALA B 100 -13.90 4.91 15.74
C ALA B 100 -12.64 4.65 16.56
N LEU B 101 -12.79 4.19 17.79
CA LEU B 101 -11.63 3.95 18.65
C LEU B 101 -11.82 2.54 19.24
N LEU B 102 -10.84 1.67 19.07
CA LEU B 102 -10.93 0.33 19.62
C LEU B 102 -9.87 0.15 20.71
N CYS B 103 -10.18 -0.36 21.87
CA CYS B 103 -9.20 -0.66 22.91
C CYS B 103 -8.89 -2.15 22.80
N TYR B 104 -7.65 -2.56 22.62
CA TYR B 104 -7.22 -3.94 22.47
C TYR B 104 -6.44 -4.36 23.71
N PRO B 105 -7.08 -4.99 24.69
CA PRO B 105 -6.49 -5.29 25.99
C PRO B 105 -5.85 -6.66 26.00
N THR B 106 -4.97 -6.87 25.04
CA THR B 106 -4.35 -8.13 24.67
C THR B 106 -2.87 -8.01 24.35
N PRO B 107 -2.07 -8.98 24.76
CA PRO B 107 -0.64 -9.02 24.46
C PRO B 107 -0.44 -9.26 22.99
N TYR B 108 0.55 -8.70 22.30
CA TYR B 108 0.64 -9.05 20.85
C TYR B 108 2.07 -8.97 20.37
N GLU B 109 2.30 -9.34 19.11
CA GLU B 109 3.58 -9.38 18.45
C GLU B 109 4.23 -8.03 18.17
N GLY B 110 3.57 -6.91 18.35
CA GLY B 110 4.19 -5.63 18.08
C GLY B 110 4.06 -5.26 16.60
N PHE B 111 4.93 -4.33 16.17
CA PHE B 111 4.98 -3.92 14.77
C PHE B 111 3.66 -3.46 14.19
N GLU B 112 3.01 -2.59 14.95
CA GLU B 112 1.75 -2.01 14.47
C GLU B 112 1.53 -0.64 15.10
N TYR B 113 1.03 0.28 14.30
CA TYR B 113 0.62 1.57 14.82
C TYR B 113 -0.71 1.90 14.14
N SER B 114 -1.73 2.02 14.92
CA SER B 114 -3.03 2.43 14.38
C SER B 114 -3.49 3.60 15.23
N PRO B 115 -3.83 4.72 14.58
CA PRO B 115 -4.29 5.91 15.24
C PRO B 115 -5.56 5.59 16.01
N ASN B 116 -6.36 4.63 15.54
CA ASN B 116 -7.62 4.26 16.17
C ASN B 116 -7.53 3.06 17.11
N ILE B 117 -6.37 2.60 17.57
CA ILE B 117 -6.36 1.43 18.46
C ILE B 117 -5.58 1.80 19.72
N VAL B 118 -6.13 1.54 20.90
CA VAL B 118 -5.35 1.87 22.13
C VAL B 118 -4.86 0.51 22.62
N TYR B 119 -3.57 0.26 22.59
CA TYR B 119 -3.06 -1.07 22.92
C TYR B 119 -2.86 -1.22 24.42
N GLY B 120 -3.74 -1.97 25.08
CA GLY B 120 -3.65 -2.14 26.53
C GLY B 120 -2.87 -3.35 27.00
N GLY B 121 -2.32 -4.15 26.07
CA GLY B 121 -1.56 -5.36 26.42
C GLY B 121 -0.13 -5.14 25.90
N PRO B 122 0.83 -5.89 26.45
CA PRO B 122 2.22 -5.66 26.14
C PRO B 122 2.72 -6.06 24.76
N ALA B 123 3.67 -5.26 24.27
CA ALA B 123 4.37 -5.58 23.02
C ALA B 123 5.50 -6.52 23.49
N PRO B 124 6.24 -7.15 22.60
CA PRO B 124 7.30 -8.07 22.97
C PRO B 124 8.35 -7.50 23.88
N ASN B 125 8.71 -6.20 23.79
CA ASN B 125 9.67 -5.64 24.71
C ASN B 125 9.10 -5.59 26.14
N GLN B 126 7.79 -5.73 26.29
CA GLN B 126 7.19 -5.73 27.61
C GLN B 126 6.91 -7.12 28.18
N ASN B 127 6.91 -8.23 27.46
CA ASN B 127 6.68 -9.55 28.03
C ASN B 127 7.68 -10.61 27.53
N SER B 128 7.81 -10.86 26.23
CA SER B 128 8.72 -11.89 25.75
C SER B 128 10.19 -11.65 26.12
N ALA B 129 10.63 -10.40 26.02
CA ALA B 129 12.03 -10.08 26.22
C ALA B 129 12.41 -10.42 27.66
N PRO B 130 11.75 -9.82 28.66
CA PRO B 130 12.02 -10.13 30.04
C PRO B 130 11.92 -11.64 30.28
N LEU B 131 10.88 -12.30 29.75
CA LEU B 131 10.73 -13.74 29.90
C LEU B 131 11.91 -14.50 29.30
N ALA B 132 12.47 -14.04 28.18
CA ALA B 132 13.60 -14.69 27.54
C ALA B 132 14.82 -14.58 28.45
N ALA B 133 15.01 -13.38 28.98
CA ALA B 133 16.15 -13.16 29.87
C ALA B 133 16.06 -14.11 31.07
N TYR B 134 14.85 -14.22 31.64
CA TYR B 134 14.60 -15.02 32.81
C TYR B 134 14.90 -16.49 32.57
N LEU B 135 14.34 -17.02 31.50
CA LEU B 135 14.50 -18.39 31.07
C LEU B 135 15.95 -18.79 30.80
N ILE B 136 16.67 -17.92 30.09
CA ILE B 136 18.09 -18.23 29.78
C ILE B 136 18.89 -18.18 31.07
N ARG B 137 18.48 -17.36 32.02
CA ARG B 137 19.12 -17.21 33.30
C ARG B 137 18.93 -18.39 34.25
N HIS B 138 17.73 -18.96 34.33
CA HIS B 138 17.43 -20.00 35.29
C HIS B 138 17.25 -21.39 34.74
N TYR B 139 16.96 -21.56 33.46
CA TYR B 139 16.67 -22.92 32.96
C TYR B 139 17.79 -23.36 32.03
N GLY B 140 17.90 -24.63 31.71
CA GLY B 140 18.95 -25.15 30.83
C GLY B 140 18.77 -24.53 29.45
N GLU B 141 19.78 -24.49 28.62
CA GLU B 141 19.67 -23.87 27.31
C GLU B 141 19.18 -24.76 26.18
N ARG B 142 18.81 -26.01 26.44
CA ARG B 142 18.21 -26.81 25.36
C ARG B 142 16.70 -26.64 25.51
N VAL B 143 16.07 -25.97 24.54
CA VAL B 143 14.64 -25.73 24.65
C VAL B 143 13.83 -26.36 23.54
N VAL B 144 12.58 -26.69 23.76
CA VAL B 144 11.65 -27.18 22.74
C VAL B 144 10.43 -26.24 22.70
N PHE B 145 10.03 -25.76 21.51
CA PHE B 145 8.93 -24.86 21.35
C PHE B 145 7.69 -25.63 20.86
N ILE B 146 6.52 -25.22 21.36
CA ILE B 146 5.23 -25.73 20.94
C ILE B 146 4.23 -24.56 20.95
N GLY B 147 3.58 -24.30 19.81
CA GLY B 147 2.66 -23.15 19.72
C GLY B 147 1.49 -23.48 18.81
N SER B 148 0.41 -22.72 18.95
CA SER B 148 -0.72 -22.89 18.07
C SER B 148 -0.33 -22.31 16.68
N ASP B 149 -0.83 -22.90 15.61
CA ASP B 149 -0.51 -22.43 14.29
C ASP B 149 -1.29 -21.22 13.78
N TYR B 150 -0.83 -20.03 14.19
CA TYR B 150 -1.38 -18.76 13.68
C TYR B 150 -0.25 -17.74 13.90
N ILE B 151 -0.37 -16.51 13.43
CA ILE B 151 0.70 -15.52 13.48
C ILE B 151 1.31 -15.21 14.81
N TYR B 152 0.54 -15.00 15.89
CA TYR B 152 1.23 -14.65 17.15
C TYR B 152 2.24 -15.65 17.68
N PRO B 153 1.96 -16.91 17.89
CA PRO B 153 2.92 -17.91 18.35
C PRO B 153 4.12 -17.95 17.39
N ARG B 154 3.86 -17.89 16.07
CA ARG B 154 4.88 -17.88 15.03
C ARG B 154 5.80 -16.67 15.11
N GLU B 155 5.24 -15.47 15.32
CA GLU B 155 6.10 -14.31 15.47
C GLU B 155 6.84 -14.41 16.80
N SER B 156 6.08 -14.82 17.84
CA SER B 156 6.71 -15.00 19.17
C SER B 156 7.84 -16.02 19.12
N ASN B 157 7.70 -17.13 18.39
CA ASN B 157 8.79 -18.09 18.23
C ASN B 157 9.96 -17.56 17.40
N HIS B 158 9.60 -16.73 16.40
CA HIS B 158 10.64 -16.12 15.57
C HIS B 158 11.58 -15.35 16.48
N VAL B 159 11.13 -14.53 17.41
CA VAL B 159 12.02 -13.81 18.31
C VAL B 159 12.75 -14.73 19.29
N MET B 160 12.02 -15.62 19.96
CA MET B 160 12.59 -16.51 20.97
C MET B 160 13.64 -17.42 20.35
N ARG B 161 13.42 -17.94 19.16
CA ARG B 161 14.36 -18.79 18.44
C ARG B 161 15.66 -18.01 18.32
N HIS B 162 15.59 -16.79 17.77
CA HIS B 162 16.79 -15.97 17.62
C HIS B 162 17.46 -15.65 18.96
N LEU B 163 16.71 -15.37 20.01
CA LEU B 163 17.28 -15.03 21.31
C LEU B 163 18.05 -16.18 21.95
N TYR B 164 17.50 -17.39 21.96
CA TYR B 164 18.17 -18.57 22.46
C TYR B 164 19.47 -18.86 21.69
N ARG B 165 19.46 -18.80 20.36
CA ARG B 165 20.65 -19.07 19.55
C ARG B 165 21.74 -18.03 19.79
N GLN B 166 21.30 -16.79 20.05
CA GLN B 166 22.29 -15.77 20.33
C GLN B 166 22.94 -15.98 21.69
N HIS B 167 22.23 -16.54 22.66
CA HIS B 167 22.81 -16.68 24.00
C HIS B 167 23.29 -18.08 24.33
N GLY B 168 23.69 -18.85 23.32
CA GLY B 168 24.25 -20.16 23.46
C GLY B 168 23.29 -21.31 23.69
N GLY B 169 22.01 -21.14 23.36
CA GLY B 169 21.03 -22.18 23.54
C GLY B 169 20.84 -23.00 22.27
N THR B 170 20.07 -24.05 22.37
CA THR B 170 19.73 -24.89 21.25
C THR B 170 18.21 -25.00 21.22
N VAL B 171 17.57 -24.75 20.11
CA VAL B 171 16.14 -24.90 19.96
C VAL B 171 15.98 -26.23 19.25
N LEU B 172 15.66 -27.27 20.00
CA LEU B 172 15.63 -28.61 19.50
C LEU B 172 14.54 -28.92 18.51
N GLU B 173 13.31 -28.56 18.82
CA GLU B 173 12.16 -28.78 17.99
C GLU B 173 11.27 -27.52 18.12
N GLU B 174 10.64 -27.13 17.02
CA GLU B 174 9.70 -26.02 17.03
C GLU B 174 8.41 -26.60 16.47
N ILE B 175 7.45 -26.94 17.34
CA ILE B 175 6.21 -27.60 16.96
C ILE B 175 4.99 -26.71 17.02
N TYR B 176 4.11 -26.89 16.07
CA TYR B 176 2.87 -26.18 15.91
C TYR B 176 1.72 -27.20 15.82
N ILE B 177 0.62 -26.83 16.48
CA ILE B 177 -0.58 -27.65 16.45
C ILE B 177 -1.69 -26.70 16.03
N PRO B 178 -2.74 -27.22 15.43
CA PRO B 178 -3.87 -26.42 15.04
C PRO B 178 -4.50 -25.80 16.28
N LEU B 179 -5.29 -24.75 16.04
CA LEU B 179 -6.03 -24.05 17.06
C LEU B 179 -7.07 -24.95 17.69
N TYR B 180 -7.85 -25.83 17.10
CA TYR B 180 -8.66 -26.72 18.00
C TYR B 180 -8.02 -28.09 17.70
N PRO B 181 -6.97 -28.39 18.44
CA PRO B 181 -6.17 -29.58 18.15
C PRO B 181 -6.90 -30.87 18.49
N SER B 182 -6.90 -31.77 17.52
CA SER B 182 -7.48 -33.10 17.75
C SER B 182 -6.64 -33.80 18.82
N ASP B 183 -7.10 -34.99 19.20
CA ASP B 183 -6.35 -35.86 20.11
C ASP B 183 -5.04 -36.33 19.52
N ASP B 184 -5.06 -36.70 18.25
CA ASP B 184 -3.84 -37.19 17.59
C ASP B 184 -2.75 -36.12 17.52
N ASP B 185 -3.20 -34.91 17.17
CA ASP B 185 -2.35 -33.73 17.15
C ASP B 185 -1.57 -33.60 18.45
N LEU B 186 -2.24 -33.71 19.58
CA LEU B 186 -1.63 -33.59 20.90
C LEU B 186 -0.64 -34.71 21.23
N GLN B 187 -1.12 -35.94 21.00
CA GLN B 187 -0.26 -37.10 21.19
C GLN B 187 0.95 -37.00 20.28
N ARG B 188 0.80 -36.69 18.99
CA ARG B 188 2.02 -36.57 18.21
C ARG B 188 2.94 -35.50 18.75
N ALA B 189 2.38 -34.33 19.11
CA ALA B 189 3.16 -33.23 19.64
C ALA B 189 3.85 -33.61 20.94
N VAL B 190 3.13 -34.26 21.84
CA VAL B 190 3.77 -34.61 23.12
C VAL B 190 4.90 -35.62 22.98
N GLU B 191 4.74 -36.58 22.08
CA GLU B 191 5.80 -37.57 21.80
C GLU B 191 7.06 -36.90 21.29
N ARG B 192 6.95 -35.93 20.39
CA ARG B 192 8.12 -35.17 19.93
C ARG B 192 8.77 -34.40 21.07
N ILE B 193 7.96 -33.77 21.92
CA ILE B 193 8.47 -33.05 23.08
C ILE B 193 9.21 -34.04 23.98
N TYR B 194 8.58 -35.18 24.24
CA TYR B 194 9.22 -36.24 25.02
C TYR B 194 10.48 -36.74 24.30
N GLN B 195 10.47 -36.98 22.99
CA GLN B 195 11.71 -37.45 22.38
C GLN B 195 12.83 -36.43 22.37
N ALA B 196 12.59 -35.12 22.44
CA ALA B 196 13.70 -34.16 22.43
C ALA B 196 14.47 -34.05 23.72
N ARG B 197 13.95 -34.51 24.85
CA ARG B 197 14.67 -34.41 26.11
C ARG B 197 15.13 -32.96 26.32
N ALA B 198 14.16 -32.02 26.35
CA ALA B 198 14.56 -30.63 26.51
C ALA B 198 14.72 -30.29 27.99
N ASP B 199 15.49 -29.25 28.29
CA ASP B 199 15.49 -28.73 29.66
C ASP B 199 14.18 -27.97 29.90
N VAL B 200 13.66 -27.21 28.93
CA VAL B 200 12.49 -26.39 29.09
C VAL B 200 11.55 -26.50 27.89
N VAL B 201 10.26 -26.26 28.12
CA VAL B 201 9.26 -26.25 27.09
C VAL B 201 8.76 -24.79 27.05
N PHE B 202 8.86 -24.16 25.88
CA PHE B 202 8.38 -22.79 25.74
C PHE B 202 7.09 -22.91 24.97
N SER B 203 5.96 -22.64 25.62
CA SER B 203 4.69 -22.81 24.94
C SER B 203 4.09 -21.48 24.50
N THR B 204 3.41 -21.54 23.38
CA THR B 204 2.71 -20.40 22.78
C THR B 204 1.36 -20.95 22.31
N VAL B 205 0.99 -22.08 22.89
CA VAL B 205 -0.33 -22.69 22.61
C VAL B 205 -1.38 -21.77 23.21
N VAL B 206 -2.46 -21.45 22.53
CA VAL B 206 -3.43 -20.52 23.09
C VAL B 206 -4.82 -21.14 23.04
N GLY B 207 -5.64 -20.92 24.06
CA GLY B 207 -7.00 -21.36 24.21
C GLY B 207 -7.20 -22.85 24.50
N THR B 208 -8.41 -23.31 24.16
CA THR B 208 -8.82 -24.68 24.34
C THR B 208 -7.79 -25.66 23.85
N GLY B 209 -7.43 -26.63 24.69
CA GLY B 209 -6.38 -27.60 24.34
C GLY B 209 -5.12 -27.29 25.12
N THR B 210 -5.01 -26.08 25.64
CA THR B 210 -3.87 -25.75 26.51
C THR B 210 -3.81 -26.73 27.68
N ALA B 211 -4.90 -26.88 28.46
CA ALA B 211 -4.97 -27.76 29.62
C ALA B 211 -4.62 -29.21 29.31
N GLU B 212 -5.23 -29.74 28.26
CA GLU B 212 -4.98 -31.09 27.79
C GLU B 212 -3.51 -31.23 27.39
N LEU B 213 -3.00 -30.21 26.71
CA LEU B 213 -1.58 -30.28 26.33
C LEU B 213 -0.68 -30.49 27.55
N TYR B 214 -0.87 -29.67 28.58
CA TYR B 214 -0.04 -29.70 29.78
C TYR B 214 -0.25 -31.01 30.56
N ARG B 215 -1.44 -31.57 30.46
CA ARG B 215 -1.78 -32.83 31.13
C ARG B 215 -1.07 -33.95 30.36
N ALA B 216 -1.13 -33.95 29.03
CA ALA B 216 -0.44 -34.96 28.24
C ALA B 216 1.07 -34.89 28.42
N ILE B 217 1.65 -33.69 28.45
CA ILE B 217 3.09 -33.62 28.75
C ILE B 217 3.33 -34.32 30.10
N ALA B 218 2.52 -33.96 31.09
CA ALA B 218 2.62 -34.54 32.42
C ALA B 218 2.62 -36.07 32.42
N ARG B 219 1.56 -36.70 31.90
CA ARG B 219 1.46 -38.14 31.88
C ARG B 219 2.58 -38.78 31.06
N ARG B 220 2.86 -38.21 29.89
CA ARG B 220 3.91 -38.73 29.02
C ARG B 220 5.21 -38.97 29.77
N TYR B 221 5.66 -37.94 30.46
CA TYR B 221 6.92 -38.03 31.19
C TYR B 221 6.78 -39.09 32.25
N GLY B 222 7.87 -39.67 32.74
CA GLY B 222 7.78 -40.74 33.74
C GLY B 222 7.57 -40.15 35.12
N ASP B 223 6.51 -39.37 35.24
CA ASP B 223 6.01 -38.52 36.30
C ASP B 223 7.20 -38.15 37.18
N GLY B 224 8.17 -37.58 36.43
CA GLY B 224 9.47 -37.31 36.88
C GLY B 224 10.45 -36.37 36.27
N ARG B 225 10.59 -35.34 37.09
CA ARG B 225 11.32 -34.10 36.93
C ARG B 225 11.33 -33.81 35.42
N ARG B 226 10.09 -33.54 34.98
CA ARG B 226 9.88 -33.19 33.59
C ARG B 226 10.58 -31.83 33.43
N PRO B 227 10.74 -31.45 32.17
CA PRO B 227 11.20 -30.09 31.90
C PRO B 227 10.00 -29.21 32.25
N PRO B 228 10.20 -28.08 32.87
CA PRO B 228 9.15 -27.14 33.19
C PRO B 228 8.59 -26.48 31.91
N ILE B 229 7.35 -26.09 31.93
CA ILE B 229 6.70 -25.41 30.83
C ILE B 229 6.66 -23.90 31.13
N ALA B 230 7.23 -23.14 30.20
CA ALA B 230 7.25 -21.68 30.32
C ALA B 230 6.37 -21.18 29.16
N SER B 231 5.38 -20.38 29.49
CA SER B 231 4.47 -19.94 28.47
C SER B 231 4.32 -18.44 28.45
N LEU B 232 4.03 -17.95 27.24
CA LEU B 232 3.78 -16.54 27.02
C LEU B 232 2.28 -16.32 26.94
N THR B 233 1.56 -17.42 26.70
CA THR B 233 0.12 -17.40 26.46
C THR B 233 -0.80 -17.95 27.54
N THR B 234 -0.43 -19.03 28.22
CA THR B 234 -1.28 -19.60 29.25
C THR B 234 -1.80 -18.57 30.26
N SER B 235 -3.10 -18.58 30.50
CA SER B 235 -3.60 -17.65 31.52
C SER B 235 -4.17 -18.42 32.72
N GLU B 236 -4.57 -17.60 33.71
CA GLU B 236 -5.29 -18.16 34.85
C GLU B 236 -6.48 -18.99 34.38
N ALA B 237 -7.20 -18.62 33.31
CA ALA B 237 -8.31 -19.41 32.81
C ALA B 237 -7.85 -20.81 32.40
N GLU B 238 -6.65 -20.98 31.85
CA GLU B 238 -6.19 -22.31 31.50
C GLU B 238 -5.70 -23.10 32.72
N VAL B 239 -5.05 -22.43 33.68
CA VAL B 239 -4.53 -23.10 34.86
C VAL B 239 -5.61 -23.64 35.80
N ALA B 240 -6.79 -23.02 35.82
CA ALA B 240 -7.91 -23.51 36.60
C ALA B 240 -8.44 -24.83 36.06
N LYS B 241 -8.17 -25.18 34.81
CA LYS B 241 -8.65 -26.43 34.23
C LYS B 241 -7.60 -27.54 34.42
N MET B 242 -6.49 -27.22 35.06
CA MET B 242 -5.42 -28.16 35.26
C MET B 242 -5.37 -28.79 36.67
N GLU B 243 -5.12 -30.08 36.71
CA GLU B 243 -4.94 -30.77 37.99
C GLU B 243 -3.80 -30.03 38.71
N SER B 244 -3.83 -30.09 40.03
CA SER B 244 -2.85 -29.39 40.83
C SER B 244 -1.44 -29.76 40.44
N ASP B 245 -1.11 -31.04 40.35
CA ASP B 245 0.26 -31.48 40.05
C ASP B 245 0.71 -31.17 38.63
N VAL B 246 -0.21 -31.19 37.67
CA VAL B 246 0.18 -30.81 36.30
C VAL B 246 0.63 -29.36 36.33
N ALA B 247 -0.27 -28.47 36.72
CA ALA B 247 0.02 -27.04 36.81
C ALA B 247 1.20 -26.63 37.65
N GLU B 248 1.59 -27.34 38.69
CA GLU B 248 2.65 -26.97 39.58
C GLU B 248 4.01 -26.73 38.98
N GLY B 249 4.72 -25.66 39.35
CA GLY B 249 6.01 -25.33 38.78
C GLY B 249 5.95 -24.76 37.36
N GLN B 250 4.77 -24.66 36.72
CA GLN B 250 4.77 -24.09 35.38
C GLN B 250 5.01 -22.58 35.45
N VAL B 251 5.56 -22.02 34.36
CA VAL B 251 5.88 -20.60 34.34
C VAL B 251 5.05 -19.79 33.37
N VAL B 252 4.72 -18.59 33.87
CA VAL B 252 3.76 -17.73 33.11
C VAL B 252 4.10 -16.30 33.31
N VAL B 253 3.78 -15.44 32.36
CA VAL B 253 4.18 -14.02 32.37
C VAL B 253 2.95 -13.15 32.11
N ALA B 254 2.83 -11.99 32.71
CA ALA B 254 1.72 -11.07 32.53
C ALA B 254 1.96 -9.82 33.37
N PRO B 255 1.19 -8.78 33.04
CA PRO B 255 1.29 -7.51 33.75
C PRO B 255 0.63 -7.65 35.12
N TYR B 256 -0.37 -8.52 35.22
CA TYR B 256 -1.15 -8.76 36.39
C TYR B 256 -1.39 -10.22 36.73
N PHE B 257 -1.46 -10.51 38.02
CA PHE B 257 -1.79 -11.85 38.54
C PHE B 257 -2.75 -11.69 39.71
N SER B 258 -3.83 -12.46 39.81
CA SER B 258 -4.78 -12.30 40.92
C SER B 258 -4.20 -12.42 42.31
N SER B 259 -2.99 -12.89 42.53
CA SER B 259 -2.27 -13.05 43.75
C SER B 259 -1.48 -11.82 44.16
N ILE B 260 -1.52 -10.77 43.37
CA ILE B 260 -0.74 -9.57 43.69
C ILE B 260 -1.12 -9.11 45.09
N ASP B 261 -0.12 -8.66 45.84
CA ASP B 261 -0.30 -8.21 47.21
C ASP B 261 -0.44 -6.72 47.42
N THR B 262 -1.51 -6.11 46.89
CA THR B 262 -1.77 -4.70 47.07
C THR B 262 -3.25 -4.50 47.30
N PRO B 263 -3.65 -3.40 47.93
CA PRO B 263 -5.05 -3.06 48.09
C PRO B 263 -5.74 -2.92 46.74
N ALA B 264 -5.08 -2.28 45.77
CA ALA B 264 -5.66 -2.16 44.43
C ALA B 264 -5.95 -3.52 43.82
N SER B 265 -5.03 -4.47 43.92
CA SER B 265 -5.28 -5.82 43.43
C SER B 265 -6.37 -6.50 44.23
N ARG B 266 -6.32 -6.34 45.56
CA ARG B 266 -7.32 -6.95 46.43
C ARG B 266 -8.72 -6.46 46.07
N ALA B 267 -8.84 -5.16 45.83
CA ALA B 267 -10.13 -4.56 45.48
C ALA B 267 -10.67 -5.11 44.18
N PHE B 268 -9.81 -5.35 43.20
CA PHE B 268 -10.19 -5.93 41.91
C PHE B 268 -10.65 -7.37 42.04
N VAL B 269 -9.91 -8.22 42.79
CA VAL B 269 -10.32 -9.59 43.02
C VAL B 269 -11.75 -9.66 43.57
N GLN B 270 -11.99 -8.90 44.64
CA GLN B 270 -13.27 -8.87 45.33
C GLN B 270 -14.37 -8.43 44.38
N ALA B 271 -14.11 -7.35 43.64
CA ALA B 271 -15.05 -6.85 42.65
C ALA B 271 -15.35 -7.90 41.59
N CYS B 272 -14.34 -8.66 41.14
CA CYS B 272 -14.56 -9.68 40.13
C CYS B 272 -15.30 -10.89 40.68
N HIS B 273 -14.93 -11.28 41.90
CA HIS B 273 -15.59 -12.42 42.54
C HIS B 273 -17.08 -12.14 42.72
N GLY B 274 -17.44 -10.94 43.14
CA GLY B 274 -18.82 -10.55 43.24
C GLY B 274 -19.28 -9.80 42.00
N PHE B 275 -19.38 -10.44 40.86
CA PHE B 275 -19.87 -9.87 39.61
C PHE B 275 -19.68 -10.88 38.47
N PHE B 276 -18.52 -11.52 38.38
CA PHE B 276 -18.27 -12.48 37.31
C PHE B 276 -19.06 -13.76 37.52
N PRO B 277 -19.44 -14.39 36.43
CA PRO B 277 -20.11 -15.67 36.49
C PRO B 277 -19.14 -16.74 36.96
N GLU B 278 -19.69 -17.93 37.16
CA GLU B 278 -18.95 -19.10 37.59
C GLU B 278 -17.94 -19.59 36.58
N ASN B 279 -18.27 -19.37 35.30
CA ASN B 279 -17.47 -19.84 34.18
C ASN B 279 -16.58 -18.77 33.58
N ALA B 280 -16.27 -17.76 34.38
CA ALA B 280 -15.44 -16.64 33.97
C ALA B 280 -14.39 -16.37 35.04
N THR B 281 -13.20 -16.92 34.83
CA THR B 281 -12.07 -16.78 35.73
C THR B 281 -11.41 -15.42 35.58
N ILE B 282 -10.86 -14.84 36.63
CA ILE B 282 -10.09 -13.62 36.56
C ILE B 282 -8.78 -13.92 35.82
N THR B 283 -8.41 -13.05 34.88
CA THR B 283 -7.17 -13.19 34.14
C THR B 283 -6.56 -11.80 33.98
N ALA B 284 -5.29 -11.79 33.53
CA ALA B 284 -4.62 -10.53 33.28
C ALA B 284 -5.32 -9.68 32.21
N TRP B 285 -6.05 -10.27 31.29
CA TRP B 285 -6.72 -9.64 30.18
C TRP B 285 -8.09 -9.11 30.60
N ALA B 286 -8.62 -9.65 31.72
CA ALA B 286 -9.82 -9.06 32.33
C ALA B 286 -9.34 -7.77 33.01
N GLU B 287 -8.13 -7.81 33.56
CA GLU B 287 -7.54 -6.68 34.23
C GLU B 287 -7.36 -5.51 33.24
N ALA B 288 -6.82 -5.83 32.07
CA ALA B 288 -6.57 -4.85 31.03
C ALA B 288 -7.87 -4.35 30.44
N ALA B 289 -8.89 -5.19 30.26
CA ALA B 289 -10.17 -4.74 29.73
C ALA B 289 -10.80 -3.75 30.73
N TYR B 290 -10.66 -4.11 32.02
CA TYR B 290 -11.12 -3.26 33.09
C TYR B 290 -10.45 -1.89 33.06
N TRP B 291 -9.12 -1.81 33.14
CA TRP B 291 -8.50 -0.50 33.22
C TRP B 291 -8.72 0.32 31.94
N GLN B 292 -8.68 -0.31 30.76
CA GLN B 292 -8.91 0.45 29.53
C GLN B 292 -10.31 1.02 29.45
N THR B 293 -11.29 0.17 29.77
CA THR B 293 -12.70 0.59 29.78
C THR B 293 -12.96 1.70 30.79
N LEU B 294 -12.23 1.64 31.89
CA LEU B 294 -12.25 2.66 32.93
C LEU B 294 -11.64 3.94 32.42
N LEU B 295 -10.50 3.84 31.71
CA LEU B 295 -9.88 5.02 31.14
C LEU B 295 -10.83 5.74 30.16
N LEU B 296 -11.50 4.97 29.29
CA LEU B 296 -12.42 5.50 28.32
C LEU B 296 -13.47 6.40 28.99
N GLY B 297 -14.08 5.86 30.03
CA GLY B 297 -15.10 6.50 30.81
C GLY B 297 -14.64 7.79 31.46
N ARG B 298 -13.49 7.82 32.11
CA ARG B 298 -12.93 9.01 32.73
C ARG B 298 -12.51 10.06 31.71
N ALA B 299 -12.01 9.64 30.55
CA ALA B 299 -11.62 10.56 29.49
C ALA B 299 -12.89 11.22 28.97
N ALA B 300 -13.96 10.44 28.79
CA ALA B 300 -15.25 10.94 28.36
C ALA B 300 -15.86 11.90 29.39
N GLN B 301 -15.78 11.55 30.66
CA GLN B 301 -16.23 12.39 31.76
C GLN B 301 -15.44 13.69 31.70
N ALA B 302 -14.12 13.67 31.61
CA ALA B 302 -13.32 14.88 31.45
C ALA B 302 -13.64 15.65 30.18
N ALA B 303 -14.07 15.00 29.09
CA ALA B 303 -14.36 15.75 27.87
C ALA B 303 -15.75 16.36 27.95
N GLY B 304 -16.65 15.68 28.67
CA GLY B 304 -18.03 16.09 28.82
C GLY B 304 -18.89 15.57 27.69
N ASN B 305 -18.28 14.84 26.75
CA ASN B 305 -19.02 14.30 25.63
C ASN B 305 -18.47 12.94 25.22
N TRP B 306 -19.16 12.41 24.23
CA TRP B 306 -18.82 11.09 23.68
C TRP B 306 -18.35 11.23 22.24
N ARG B 307 -17.51 12.22 21.95
CA ARG B 307 -17.00 12.40 20.58
C ARG B 307 -15.64 11.73 20.54
N VAL B 308 -15.32 10.87 19.58
CA VAL B 308 -14.01 10.22 19.60
C VAL B 308 -12.91 11.27 19.76
N GLU B 309 -12.96 12.32 18.92
CA GLU B 309 -11.92 13.33 19.01
C GLU B 309 -11.75 13.91 20.40
N ASP B 310 -12.82 14.30 21.07
CA ASP B 310 -12.74 14.87 22.39
C ASP B 310 -12.32 13.80 23.41
N VAL B 311 -12.94 12.61 23.30
CA VAL B 311 -12.56 11.61 24.31
C VAL B 311 -11.08 11.30 24.16
N GLN B 312 -10.66 11.00 22.94
CA GLN B 312 -9.29 10.60 22.63
C GLN B 312 -8.25 11.56 23.16
N ARG B 313 -8.41 12.85 22.97
CA ARG B 313 -7.48 13.85 23.45
C ARG B 313 -7.18 13.68 24.93
N HIS B 314 -8.20 13.57 25.75
CA HIS B 314 -8.14 13.35 27.19
C HIS B 314 -7.62 11.99 27.65
N LEU B 315 -7.35 11.07 26.75
CA LEU B 315 -6.87 9.73 27.03
C LEU B 315 -5.41 9.64 27.41
N TYR B 316 -4.50 10.35 26.76
CA TYR B 316 -3.06 10.31 26.95
C TYR B 316 -2.56 11.00 28.21
N ASP B 317 -3.39 11.87 28.73
CA ASP B 317 -3.22 12.64 29.93
C ASP B 317 -3.72 11.98 31.22
N ILE B 318 -4.49 10.91 31.16
CA ILE B 318 -4.98 10.25 32.35
C ILE B 318 -4.27 8.94 32.71
N ASP B 319 -3.23 9.07 33.53
CA ASP B 319 -2.52 7.95 34.14
C ASP B 319 -3.45 7.32 35.17
N ILE B 320 -3.88 6.07 35.05
CA ILE B 320 -4.80 5.45 35.99
C ILE B 320 -4.11 4.58 37.04
N ASP B 321 -4.81 4.33 38.14
CA ASP B 321 -4.37 3.43 39.19
C ASP B 321 -5.12 2.12 38.97
N ALA B 322 -4.47 1.27 38.16
CA ALA B 322 -5.08 -0.01 37.81
C ALA B 322 -4.73 -1.05 38.85
N PRO B 323 -5.45 -2.15 38.85
CA PRO B 323 -5.16 -3.29 39.71
C PRO B 323 -3.72 -3.76 39.61
N GLN B 324 -3.10 -3.68 38.42
CA GLN B 324 -1.73 -4.15 38.24
C GLN B 324 -0.73 -3.16 38.81
N GLY B 325 -1.14 -1.90 38.94
CA GLY B 325 -0.22 -0.83 39.30
C GLY B 325 -0.61 0.35 38.37
N PRO B 326 0.25 1.36 38.31
CA PRO B 326 -0.06 2.56 37.58
C PRO B 326 0.11 2.42 36.07
N VAL B 327 -0.87 2.77 35.24
CA VAL B 327 -0.68 2.69 33.81
C VAL B 327 -1.02 4.00 33.08
N ARG B 328 -0.38 4.17 31.91
CA ARG B 328 -0.75 5.29 31.05
C ARG B 328 -0.60 4.84 29.60
N VAL B 329 -1.26 5.61 28.75
CA VAL B 329 -1.21 5.38 27.30
C VAL B 329 -0.34 6.46 26.70
N GLU B 330 0.67 6.10 25.92
CA GLU B 330 1.54 7.08 25.28
C GLU B 330 0.91 7.62 24.02
N ARG B 331 0.84 8.94 23.89
CA ARG B 331 0.29 9.56 22.69
C ARG B 331 1.15 9.26 21.45
N GLN B 332 2.46 9.17 21.56
CA GLN B 332 3.33 8.85 20.42
C GLN B 332 3.03 7.53 19.70
N ASN B 333 2.57 6.49 20.38
CA ASN B 333 2.36 5.19 19.73
C ASN B 333 1.08 4.45 20.07
N ASN B 334 0.16 5.02 20.85
CA ASN B 334 -1.06 4.39 21.30
C ASN B 334 -0.84 3.11 22.11
N HIS B 335 0.35 2.82 22.59
CA HIS B 335 0.63 1.65 23.40
C HIS B 335 0.68 2.14 24.86
N SER B 336 0.78 1.23 25.81
CA SER B 336 0.74 1.59 27.22
C SER B 336 2.00 1.30 28.00
N ARG B 337 2.13 1.97 29.13
CA ARG B 337 3.24 1.72 30.06
C ARG B 337 2.65 0.68 31.01
N LEU B 338 3.21 -0.52 31.00
CA LEU B 338 2.70 -1.65 31.73
C LEU B 338 3.70 -2.31 32.66
N SER B 339 3.18 -2.82 33.76
CA SER B 339 4.03 -3.59 34.67
C SER B 339 4.31 -4.93 33.99
N SER B 340 5.28 -5.66 34.51
CA SER B 340 5.49 -6.98 33.89
C SER B 340 5.90 -7.97 34.97
N ARG B 341 5.12 -9.03 35.15
CA ARG B 341 5.47 -10.00 36.21
C ARG B 341 5.72 -11.40 35.65
N ILE B 342 6.67 -12.13 36.24
CA ILE B 342 6.91 -13.52 35.82
C ILE B 342 6.54 -14.39 37.01
N ALA B 343 5.65 -15.35 36.84
CA ALA B 343 5.20 -16.09 38.01
C ALA B 343 5.31 -17.60 37.86
N GLU B 344 5.57 -18.25 38.99
CA GLU B 344 5.66 -19.70 39.02
C GLU B 344 4.47 -20.26 39.78
N ILE B 345 3.76 -21.22 39.23
CA ILE B 345 2.59 -21.78 39.93
C ILE B 345 2.95 -22.76 41.04
N ASP B 346 2.46 -22.51 42.25
CA ASP B 346 2.79 -23.41 43.38
C ASP B 346 1.88 -24.61 43.37
N ALA B 347 1.95 -25.49 44.38
CA ALA B 347 1.14 -26.70 44.43
C ALA B 347 -0.35 -26.48 44.60
N ARG B 348 -0.81 -25.37 45.13
CA ARG B 348 -2.22 -25.09 45.30
C ARG B 348 -2.77 -24.23 44.18
N GLY B 349 -2.19 -24.30 42.98
CA GLY B 349 -2.64 -23.59 41.81
C GLY B 349 -2.52 -22.08 41.78
N VAL B 350 -1.78 -21.51 42.72
CA VAL B 350 -1.59 -20.10 42.89
C VAL B 350 -0.30 -19.63 42.23
N PHE B 351 -0.42 -18.48 41.61
CA PHE B 351 0.61 -17.75 40.92
C PHE B 351 1.53 -16.97 41.83
N GLN B 352 2.75 -17.44 42.01
CA GLN B 352 3.75 -16.81 42.83
C GLN B 352 4.68 -15.96 41.98
N VAL B 353 4.57 -14.63 42.13
CA VAL B 353 5.42 -13.75 41.33
C VAL B 353 6.88 -13.91 41.68
N ARG B 354 7.76 -14.27 40.77
CA ARG B 354 9.16 -14.44 41.07
C ARG B 354 10.04 -13.29 40.65
N TRP B 355 9.55 -12.46 39.75
CA TRP B 355 10.34 -11.31 39.28
C TRP B 355 9.32 -10.27 38.83
N GLN B 356 9.66 -9.02 38.92
CA GLN B 356 8.83 -7.91 38.51
C GLN B 356 9.77 -6.84 37.92
N SER B 357 9.33 -6.14 36.88
CA SER B 357 10.22 -5.06 36.41
C SER B 357 10.16 -4.01 37.51
N PRO B 358 11.28 -3.39 37.86
CA PRO B 358 11.32 -2.36 38.89
C PRO B 358 10.28 -1.27 38.67
N GLU B 359 9.98 -0.94 37.42
CA GLU B 359 8.94 0.00 37.05
C GLU B 359 8.24 -0.46 35.77
N PRO B 360 7.11 0.18 35.50
CA PRO B 360 6.34 -0.13 34.29
C PRO B 360 7.26 0.05 33.09
N ILE B 361 7.15 -0.87 32.12
CA ILE B 361 8.02 -0.83 30.95
C ILE B 361 7.40 0.04 29.87
N ARG B 362 8.17 0.95 29.30
CA ARG B 362 7.65 1.73 28.19
C ARG B 362 7.62 0.85 26.93
N PRO B 363 6.54 1.01 26.18
CA PRO B 363 6.31 0.24 24.98
C PRO B 363 7.16 0.68 23.79
N ASP B 364 7.65 -0.32 23.06
CA ASP B 364 8.46 -0.05 21.85
C ASP B 364 8.13 -1.17 20.88
N PRO B 365 6.96 -1.09 20.25
CA PRO B 365 6.43 -2.17 19.44
C PRO B 365 7.30 -2.56 18.27
N TYR B 366 8.06 -1.64 17.71
CA TYR B 366 8.93 -1.95 16.57
C TYR B 366 10.37 -2.32 16.93
N VAL B 367 10.76 -2.48 18.19
CA VAL B 367 12.19 -2.78 18.41
C VAL B 367 12.48 -4.16 17.84
N VAL B 368 13.54 -4.30 17.07
CA VAL B 368 13.91 -5.57 16.43
C VAL B 368 14.93 -6.32 17.29
N VAL B 369 15.97 -5.66 17.76
CA VAL B 369 16.97 -6.30 18.61
C VAL B 369 16.69 -6.08 20.09
N HIS B 370 16.17 -7.13 20.74
CA HIS B 370 15.89 -7.09 22.16
C HIS B 370 17.20 -7.33 22.92
N ASN B 371 17.71 -6.32 23.60
CA ASN B 371 18.94 -6.46 24.36
C ASN B 371 18.64 -7.02 25.75
N LEU B 372 18.99 -8.30 25.93
CA LEU B 372 18.70 -8.98 27.19
C LEU B 372 19.47 -8.44 28.37
N ASP B 373 20.62 -7.82 28.17
CA ASP B 373 21.36 -7.17 29.24
C ASP B 373 20.51 -6.15 29.96
N ASP B 374 19.55 -5.49 29.32
CA ASP B 374 18.63 -4.57 29.96
C ASP B 374 18.09 -5.15 31.28
N TRP B 375 17.84 -6.44 31.32
CA TRP B 375 17.29 -7.13 32.46
C TRP B 375 18.29 -7.79 33.41
N SER B 376 19.59 -7.58 33.32
CA SER B 376 20.52 -8.23 34.24
C SER B 376 20.38 -7.81 35.69
N ALA B 377 20.41 -6.52 35.95
CA ALA B 377 20.29 -5.99 37.30
C ALA B 377 19.09 -6.50 38.07
N SER B 378 17.88 -6.39 37.54
CA SER B 378 16.69 -6.76 38.27
C SER B 378 16.43 -8.24 38.40
N MET B 379 17.16 -9.13 37.73
CA MET B 379 16.89 -10.54 37.87
C MET B 379 18.03 -11.34 38.50
N GLY B 380 19.19 -10.73 38.64
CA GLY B 380 20.36 -11.38 39.18
C GLY B 380 21.35 -10.34 39.72
N SER C 2 20.77 -12.29 6.90
CA SER C 2 20.55 -11.11 6.01
C SER C 2 19.09 -10.66 6.01
N ALA C 3 18.01 -11.42 6.04
CA ALA C 3 16.70 -10.78 6.29
C ALA C 3 16.75 -10.24 7.74
N ASN C 4 17.32 -11.10 8.59
CA ASN C 4 17.60 -10.79 9.97
C ASN C 4 18.53 -9.61 10.18
N SER C 5 19.60 -9.48 9.41
CA SER C 5 20.51 -8.35 9.61
C SER C 5 19.91 -7.08 9.02
N LEU C 6 19.22 -7.23 7.88
CA LEU C 6 18.49 -6.12 7.27
C LEU C 6 17.46 -5.54 8.27
N LEU C 7 16.65 -6.41 8.89
CA LEU C 7 15.68 -5.92 9.86
C LEU C 7 16.34 -5.29 11.09
N GLY C 8 17.43 -5.92 11.56
CA GLY C 8 18.15 -5.46 12.73
C GLY C 8 18.86 -4.15 12.51
N SER C 9 19.11 -3.74 11.27
CA SER C 9 19.82 -2.45 11.13
C SER C 9 18.93 -1.28 10.76
N LEU C 10 17.62 -1.40 10.79
CA LEU C 10 16.74 -0.29 10.44
C LEU C 10 16.93 0.92 11.34
N ARG C 11 17.20 0.72 12.63
CA ARG C 11 17.39 1.87 13.51
C ARG C 11 18.66 2.66 13.27
N GLU C 12 19.59 2.26 12.42
CA GLU C 12 20.77 3.02 12.08
C GLU C 12 20.55 3.74 10.75
N LEU C 13 19.47 3.45 10.03
CA LEU C 13 19.24 4.14 8.76
C LEU C 13 18.98 5.62 9.00
N GLN C 14 19.49 6.42 8.06
CA GLN C 14 19.30 7.87 8.12
C GLN C 14 18.30 8.16 6.97
N VAL C 15 17.11 8.55 7.36
CA VAL C 15 16.03 8.76 6.47
C VAL C 15 15.72 10.25 6.40
N LEU C 16 15.50 10.65 5.16
CA LEU C 16 15.16 12.01 4.80
C LEU C 16 13.78 12.03 4.15
N VAL C 17 12.90 12.87 4.69
CA VAL C 17 11.58 13.01 4.08
C VAL C 17 11.69 14.29 3.24
N LEU C 18 11.97 14.15 1.96
CA LEU C 18 12.11 15.30 1.05
C LEU C 18 10.76 15.70 0.51
N ASN C 19 9.97 16.41 1.28
CA ASN C 19 8.59 16.77 0.94
C ASN C 19 8.15 18.01 1.69
N PRO C 20 7.28 18.82 1.13
CA PRO C 20 6.78 20.00 1.81
C PRO C 20 6.21 19.72 3.20
N PRO C 21 6.41 20.69 4.11
CA PRO C 21 5.86 20.64 5.45
C PRO C 21 4.34 20.48 5.37
N GLY C 22 3.70 19.77 6.27
CA GLY C 22 2.26 19.54 6.17
C GLY C 22 1.96 18.19 6.82
N GLU C 23 0.71 17.80 6.73
CA GLU C 23 0.18 16.60 7.32
C GLU C 23 0.84 15.33 6.82
N VAL C 24 1.08 15.22 5.55
CA VAL C 24 1.68 14.05 4.92
C VAL C 24 3.09 13.87 5.47
N SER C 25 3.93 14.90 5.36
CA SER C 25 5.26 14.80 5.93
C SER C 25 5.25 14.40 7.41
N ASP C 26 4.40 15.02 8.21
CA ASP C 26 4.25 14.83 9.61
C ASP C 26 3.96 13.36 9.97
N ALA C 27 2.92 12.82 9.30
CA ALA C 27 2.50 11.45 9.57
C ALA C 27 3.60 10.48 9.19
N LEU C 28 4.27 10.69 8.07
CA LEU C 28 5.39 9.88 7.61
C LEU C 28 6.58 9.95 8.57
N VAL C 29 7.00 11.16 8.98
CA VAL C 29 8.06 11.31 9.99
C VAL C 29 7.62 10.63 11.28
N LEU C 30 6.37 10.81 11.76
CA LEU C 30 6.01 10.10 13.00
C LEU C 30 6.09 8.59 12.87
N GLN C 31 5.68 8.03 11.72
CA GLN C 31 5.77 6.57 11.61
C GLN C 31 7.22 6.13 11.46
N LEU C 32 8.12 6.92 10.86
CA LEU C 32 9.54 6.51 10.81
C LEU C 32 10.22 6.58 12.17
N ILE C 33 9.83 7.50 13.05
CA ILE C 33 10.31 7.52 14.41
C ILE C 33 9.75 6.36 15.22
N ARG C 34 8.52 5.89 15.06
CA ARG C 34 8.02 4.72 15.76
C ARG C 34 8.80 3.48 15.34
N ILE C 35 9.10 3.32 14.06
CA ILE C 35 9.93 2.22 13.52
C ILE C 35 11.34 2.34 14.08
N GLY C 36 11.81 3.59 14.29
CA GLY C 36 13.06 3.82 14.98
C GLY C 36 14.24 4.38 14.22
N CYS C 37 14.05 4.62 12.92
CA CYS C 37 15.04 5.23 12.07
C CYS C 37 15.40 6.66 12.49
N SER C 38 16.53 7.18 12.08
CA SER C 38 16.89 8.56 12.33
C SER C 38 16.18 9.26 11.14
N VAL C 39 15.40 10.26 11.42
CA VAL C 39 14.54 10.85 10.43
C VAL C 39 14.64 12.37 10.44
N ARG C 40 14.84 12.92 9.26
CA ARG C 40 14.85 14.35 9.06
C ARG C 40 13.88 14.59 7.89
N GLN C 41 13.48 15.82 7.84
CA GLN C 41 12.52 16.32 6.85
C GLN C 41 13.17 17.51 6.19
N CYS C 42 13.05 17.70 4.89
CA CYS C 42 13.74 18.84 4.28
C CYS C 42 12.84 19.44 3.23
N TRP C 43 12.82 20.74 3.01
CA TRP C 43 12.04 21.33 1.95
C TRP C 43 12.23 22.81 1.71
N PRO C 44 13.01 23.25 0.75
CA PRO C 44 12.95 22.93 -0.64
C PRO C 44 14.15 22.02 -0.88
N PRO C 45 14.14 21.22 -1.92
CA PRO C 45 15.24 20.32 -2.22
C PRO C 45 16.57 21.03 -2.35
N PRO C 46 17.59 20.59 -1.64
CA PRO C 46 18.92 21.17 -1.71
C PRO C 46 19.70 20.73 -2.93
N GLU C 47 21.00 21.02 -3.01
CA GLU C 47 21.81 20.66 -4.17
C GLU C 47 22.74 19.49 -3.90
N ALA C 48 23.03 19.28 -2.63
CA ALA C 48 23.85 18.18 -2.14
C ALA C 48 23.36 17.91 -0.72
N PHE C 49 23.56 16.68 -0.22
CA PHE C 49 22.98 16.42 1.08
C PHE C 49 23.55 17.08 2.30
N ASP C 50 24.83 17.17 2.57
CA ASP C 50 25.35 17.83 3.77
C ASP C 50 25.74 16.73 4.77
N VAL C 51 24.75 15.92 5.11
CA VAL C 51 24.92 14.75 5.97
C VAL C 51 24.54 13.52 5.16
N PRO C 52 25.22 12.41 5.39
CA PRO C 52 24.92 11.13 4.79
C PRO C 52 23.45 10.76 4.88
N VAL C 53 22.84 10.24 3.83
CA VAL C 53 21.43 9.90 3.79
C VAL C 53 21.29 8.47 3.26
N ASP C 54 20.61 7.58 3.99
CA ASP C 54 20.44 6.24 3.44
C ASP C 54 19.15 6.01 2.65
N VAL C 55 18.07 6.70 3.02
CA VAL C 55 16.76 6.50 2.37
C VAL C 55 16.04 7.86 2.26
N VAL C 56 15.54 8.14 1.06
CA VAL C 56 14.78 9.33 0.77
C VAL C 56 13.33 8.96 0.38
N PHE C 57 12.37 9.65 0.97
CA PHE C 57 10.97 9.54 0.65
C PHE C 57 10.61 10.88 -0.02
N THR C 58 9.99 10.90 -1.17
CA THR C 58 9.67 12.18 -1.78
C THR C 58 8.31 12.02 -2.43
N SER C 59 7.77 13.08 -2.95
CA SER C 59 6.52 13.04 -3.69
C SER C 59 6.85 13.37 -5.16
N ILE C 60 5.87 13.32 -6.01
CA ILE C 60 6.03 13.58 -7.44
C ILE C 60 5.44 14.95 -7.79
N PHE C 61 6.30 15.88 -8.12
CA PHE C 61 5.93 17.25 -8.45
C PHE C 61 6.04 17.58 -9.94
N GLN C 62 5.06 18.32 -10.40
CA GLN C 62 4.99 18.85 -11.75
C GLN C 62 5.43 20.32 -11.63
N ASN C 63 6.72 20.52 -11.52
CA ASN C 63 7.33 21.83 -11.32
C ASN C 63 8.83 21.58 -11.16
N ARG C 64 9.59 22.61 -10.83
CA ARG C 64 11.04 22.52 -10.77
C ARG C 64 11.65 21.69 -9.66
N HIS C 65 10.84 21.23 -8.70
CA HIS C 65 11.42 20.41 -7.63
C HIS C 65 11.68 19.01 -8.13
N HIS C 66 10.93 18.61 -9.16
CA HIS C 66 11.17 17.31 -9.79
C HIS C 66 12.60 17.23 -10.31
N ASP C 67 13.02 18.16 -11.14
CA ASP C 67 14.37 18.22 -11.69
C ASP C 67 15.43 18.40 -10.60
N GLU C 68 15.13 19.26 -9.63
CA GLU C 68 16.02 19.42 -8.49
C GLU C 68 16.22 18.09 -7.78
N ILE C 69 15.08 17.44 -7.44
CA ILE C 69 15.17 16.16 -6.73
C ILE C 69 15.92 15.15 -7.58
N ALA C 70 15.60 15.09 -8.85
CA ALA C 70 16.23 14.17 -9.79
C ALA C 70 17.74 14.34 -9.82
N ALA C 71 18.19 15.58 -10.01
CA ALA C 71 19.61 15.92 -10.02
C ALA C 71 20.23 15.62 -8.66
N LEU C 72 19.54 16.00 -7.59
CA LEU C 72 20.00 15.74 -6.23
C LEU C 72 20.30 14.26 -6.03
N LEU C 73 19.40 13.36 -6.45
CA LEU C 73 19.69 11.93 -6.25
C LEU C 73 20.56 11.36 -7.36
N ALA C 74 20.72 12.05 -8.49
CA ALA C 74 21.51 11.50 -9.59
C ALA C 74 22.99 11.53 -9.20
N ALA C 75 23.32 12.61 -8.50
CA ALA C 75 24.66 12.89 -8.05
C ALA C 75 24.97 12.21 -6.72
N GLY C 76 23.97 11.74 -6.03
CA GLY C 76 24.11 11.15 -4.73
C GLY C 76 24.60 9.72 -4.68
N THR C 77 24.81 9.24 -3.44
CA THR C 77 25.26 7.86 -3.27
C THR C 77 24.22 6.90 -3.81
N PRO C 78 24.60 6.05 -4.77
CA PRO C 78 23.74 5.06 -5.36
C PRO C 78 23.05 4.12 -4.37
N ARG C 79 23.65 3.88 -3.19
CA ARG C 79 22.97 3.04 -2.21
C ARG C 79 21.85 3.79 -1.50
N THR C 80 21.55 5.03 -1.86
CA THR C 80 20.46 5.76 -1.24
C THR C 80 19.14 5.17 -1.73
N THR C 81 18.38 4.53 -0.85
CA THR C 81 17.08 3.96 -1.26
C THR C 81 16.06 5.06 -1.57
N LEU C 82 15.24 4.84 -2.60
CA LEU C 82 14.26 5.86 -3.02
C LEU C 82 12.83 5.38 -3.04
N VAL C 83 12.00 6.08 -2.28
CA VAL C 83 10.57 5.77 -2.17
C VAL C 83 9.71 6.96 -2.55
N ALA C 84 8.80 6.74 -3.50
CA ALA C 84 7.95 7.85 -3.95
C ALA C 84 6.53 7.73 -3.37
N LEU C 85 5.98 8.84 -2.92
CA LEU C 85 4.61 8.95 -2.47
C LEU C 85 3.83 9.36 -3.74
N VAL C 86 2.89 8.56 -4.14
CA VAL C 86 2.20 8.74 -5.39
C VAL C 86 0.70 8.94 -5.15
N GLU C 87 0.09 9.87 -5.86
CA GLU C 87 -1.35 10.04 -5.70
C GLU C 87 -2.02 9.87 -7.04
N TYR C 88 -1.33 9.75 -8.15
CA TYR C 88 -2.05 9.59 -9.42
C TYR C 88 -1.49 8.35 -10.08
N GLU C 89 -2.29 7.71 -10.90
CA GLU C 89 -1.86 6.51 -11.59
C GLU C 89 -1.73 6.84 -13.08
N SER C 90 -1.82 8.10 -13.47
CA SER C 90 -1.85 8.44 -14.87
C SER C 90 -0.45 8.45 -15.45
N PRO C 91 -0.31 8.37 -16.76
CA PRO C 91 0.98 8.25 -17.42
C PRO C 91 2.04 9.29 -17.16
N ALA C 92 1.78 10.59 -17.12
CA ALA C 92 2.88 11.51 -16.83
C ALA C 92 3.39 11.33 -15.41
N VAL C 93 2.55 11.10 -14.43
CA VAL C 93 3.03 10.91 -13.06
C VAL C 93 3.84 9.62 -12.96
N LEU C 94 3.32 8.53 -13.52
CA LEU C 94 4.04 7.26 -13.49
C LEU C 94 5.36 7.29 -14.24
N SER C 95 5.48 8.11 -15.26
CA SER C 95 6.68 8.21 -16.09
C SER C 95 7.76 8.85 -15.23
N GLN C 96 7.32 9.84 -14.41
CA GLN C 96 8.15 10.52 -13.45
C GLN C 96 8.70 9.48 -12.46
N ILE C 97 7.87 8.58 -11.95
CA ILE C 97 8.36 7.54 -11.04
C ILE C 97 9.41 6.67 -11.71
N ILE C 98 9.13 6.26 -12.93
CA ILE C 98 10.02 5.41 -13.71
C ILE C 98 11.35 6.14 -13.96
N GLU C 99 11.30 7.41 -14.35
CA GLU C 99 12.52 8.17 -14.66
C GLU C 99 13.33 8.39 -13.40
N LEU C 100 12.75 8.61 -12.23
CA LEU C 100 13.44 8.72 -10.97
C LEU C 100 14.00 7.34 -10.54
N GLU C 101 13.51 6.23 -11.07
CA GLU C 101 13.95 4.91 -10.74
C GLU C 101 13.78 4.60 -9.25
N CYS C 102 12.57 4.75 -8.75
CA CYS C 102 12.27 4.49 -7.35
C CYS C 102 12.55 3.02 -7.04
N HIS C 103 12.83 2.74 -5.77
CA HIS C 103 12.96 1.34 -5.32
C HIS C 103 11.67 0.88 -4.67
N GLY C 104 10.73 1.83 -4.48
CA GLY C 104 9.44 1.47 -3.88
C GLY C 104 8.49 2.65 -3.92
N VAL C 105 7.19 2.42 -3.83
CA VAL C 105 6.19 3.49 -3.90
C VAL C 105 5.18 3.34 -2.77
N ILE C 106 4.48 4.37 -2.36
CA ILE C 106 3.41 4.28 -1.36
C ILE C 106 2.29 5.14 -1.97
N THR C 107 1.16 4.52 -2.31
CA THR C 107 0.08 5.29 -2.92
C THR C 107 -0.69 6.01 -1.82
N GLN C 108 -1.16 7.22 -2.11
CA GLN C 108 -1.88 8.04 -1.14
C GLN C 108 -3.37 7.82 -1.21
N PRO C 109 -4.07 8.10 -0.11
CA PRO C 109 -3.49 8.64 1.09
C PRO C 109 -2.68 7.66 1.95
N LEU C 110 -1.52 8.13 2.36
CA LEU C 110 -0.62 7.42 3.26
C LEU C 110 -1.28 7.16 4.61
N ASP C 111 -0.90 6.10 5.25
CA ASP C 111 -1.34 5.73 6.60
C ASP C 111 -0.14 4.93 7.16
N ALA C 112 -0.01 4.78 8.45
CA ALA C 112 1.12 4.10 9.05
C ALA C 112 1.35 2.68 8.57
N HIS C 113 0.36 1.86 8.29
CA HIS C 113 0.51 0.49 7.89
C HIS C 113 1.30 0.22 6.61
N ARG C 114 1.38 1.21 5.74
CA ARG C 114 2.03 1.08 4.47
C ARG C 114 3.53 1.33 4.53
N VAL C 115 4.01 1.93 5.59
CA VAL C 115 5.42 2.32 5.58
C VAL C 115 6.50 1.26 5.74
N LEU C 116 6.46 0.43 6.78
CA LEU C 116 7.50 -0.50 7.09
C LEU C 116 7.67 -1.56 6.02
N PRO C 117 6.62 -2.16 5.49
CA PRO C 117 6.75 -3.16 4.42
C PRO C 117 7.41 -2.56 3.19
N VAL C 118 7.09 -1.33 2.81
CA VAL C 118 7.71 -0.67 1.66
C VAL C 118 9.16 -0.28 1.92
N LEU C 119 9.47 0.24 3.11
CA LEU C 119 10.83 0.62 3.45
C LEU C 119 11.75 -0.61 3.38
N VAL C 120 11.33 -1.75 3.90
CA VAL C 120 12.13 -2.96 3.92
C VAL C 120 12.30 -3.57 2.53
N SER C 121 11.19 -3.75 1.79
CA SER C 121 11.30 -4.30 0.44
C SER C 121 12.11 -3.35 -0.44
N ALA C 122 11.94 -2.03 -0.32
CA ALA C 122 12.73 -1.13 -1.16
C ALA C 122 14.21 -1.17 -0.76
N ARG C 123 14.50 -1.27 0.53
CA ARG C 123 15.88 -1.31 0.99
C ARG C 123 16.58 -2.58 0.49
N ARG C 124 15.93 -3.73 0.52
CA ARG C 124 16.48 -4.96 0.01
C ARG C 124 16.81 -4.72 -1.48
N ILE C 125 15.83 -4.13 -2.20
CA ILE C 125 15.97 -3.91 -3.62
C ILE C 125 17.20 -3.07 -3.97
N SER C 126 17.39 -1.93 -3.30
CA SER C 126 18.48 -1.06 -3.64
C SER C 126 19.85 -1.64 -3.27
N GLU C 127 19.89 -2.38 -2.17
CA GLU C 127 21.10 -3.04 -1.72
C GLU C 127 21.44 -4.18 -2.68
N GLU C 128 20.45 -4.95 -3.13
CA GLU C 128 20.71 -6.03 -4.09
C GLU C 128 21.21 -5.40 -5.40
N MET C 129 20.63 -4.26 -5.84
CA MET C 129 21.16 -3.61 -7.04
C MET C 129 22.63 -3.21 -6.89
N ALA C 130 22.95 -2.55 -5.75
CA ALA C 130 24.31 -2.12 -5.51
C ALA C 130 25.27 -3.32 -5.48
N LYS C 131 24.85 -4.47 -4.97
CA LYS C 131 25.71 -5.65 -4.88
C LYS C 131 26.00 -6.24 -6.24
N LEU C 132 24.99 -6.31 -7.12
CA LEU C 132 25.17 -6.85 -8.46
C LEU C 132 26.11 -5.95 -9.26
N LYS C 133 26.07 -4.64 -9.02
CA LYS C 133 26.95 -3.73 -9.74
C LYS C 133 28.39 -3.93 -9.27
N GLN C 134 28.58 -4.07 -7.98
CA GLN C 134 29.86 -4.36 -7.36
C GLN C 134 30.40 -5.72 -7.86
N LYS C 135 29.60 -6.74 -8.01
CA LYS C 135 30.03 -8.03 -8.48
C LYS C 135 30.45 -7.92 -9.96
N THR C 136 29.70 -7.12 -10.71
CA THR C 136 30.00 -6.87 -12.10
C THR C 136 31.39 -6.27 -12.24
N GLU C 137 31.74 -5.25 -11.48
CA GLU C 137 33.09 -4.68 -11.55
C GLU C 137 34.15 -5.71 -11.13
N GLN C 138 33.91 -6.47 -10.06
CA GLN C 138 34.86 -7.46 -9.56
C GLN C 138 35.16 -8.50 -10.63
N LEU C 139 34.12 -9.01 -11.27
CA LEU C 139 34.23 -9.97 -12.33
C LEU C 139 34.91 -9.40 -13.57
N GLN C 140 34.62 -8.11 -13.90
CA GLN C 140 35.32 -7.51 -15.04
C GLN C 140 36.82 -7.46 -14.73
N ASP C 141 37.21 -6.96 -13.57
CA ASP C 141 38.59 -6.92 -13.16
C ASP C 141 39.16 -8.35 -13.18
N ARG C 142 38.52 -9.32 -12.58
CA ARG C 142 38.96 -10.70 -12.55
C ARG C 142 39.25 -11.33 -13.91
N ILE C 143 38.39 -11.19 -14.92
CA ILE C 143 38.60 -11.70 -16.25
C ILE C 143 39.88 -11.14 -16.90
N ALA C 144 40.07 -9.84 -16.67
CA ALA C 144 41.23 -9.13 -17.17
C ALA C 144 42.48 -9.63 -16.45
N GLY C 145 42.44 -9.74 -15.14
CA GLY C 145 43.53 -10.22 -14.33
C GLY C 145 43.95 -11.64 -14.76
N GLN C 146 43.01 -12.58 -14.73
CA GLN C 146 43.22 -13.94 -15.17
C GLN C 146 43.96 -14.00 -16.51
N ALA C 147 43.58 -13.18 -17.48
CA ALA C 147 44.20 -13.14 -18.79
C ALA C 147 45.70 -12.82 -18.73
N ARG C 148 46.09 -11.79 -18.00
CA ARG C 148 47.48 -11.39 -17.86
C ARG C 148 48.27 -12.36 -17.01
N ILE C 149 47.61 -13.11 -16.12
CA ILE C 149 48.34 -14.08 -15.31
C ILE C 149 48.64 -15.28 -16.24
N ASN C 150 47.75 -15.58 -17.14
CA ASN C 150 47.80 -16.64 -18.11
C ASN C 150 48.74 -16.31 -19.28
N GLN C 151 48.79 -15.06 -19.71
CA GLN C 151 49.69 -14.70 -20.80
C GLN C 151 51.12 -14.59 -20.29
N ALA C 152 51.29 -14.17 -19.04
CA ALA C 152 52.56 -14.08 -18.37
C ALA C 152 53.11 -15.51 -18.12
N LYS C 153 52.20 -16.43 -17.79
CA LYS C 153 52.56 -17.80 -17.52
C LYS C 153 53.03 -18.48 -18.80
N VAL C 154 52.32 -18.25 -19.89
CA VAL C 154 52.72 -18.80 -21.17
C VAL C 154 54.10 -18.22 -21.53
N LEU C 155 54.28 -16.93 -21.30
CA LEU C 155 55.55 -16.26 -21.51
C LEU C 155 56.70 -16.94 -20.77
N LEU C 156 56.56 -17.21 -19.49
CA LEU C 156 57.58 -17.86 -18.69
C LEU C 156 57.82 -19.30 -19.15
N MET C 157 56.73 -20.04 -19.36
CA MET C 157 56.73 -21.40 -19.84
C MET C 157 57.68 -21.50 -21.03
N GLN C 158 57.30 -20.79 -22.08
CA GLN C 158 57.95 -20.69 -23.37
C GLN C 158 59.32 -20.04 -23.29
N ARG C 159 59.52 -19.05 -22.42
CA ARG C 159 60.85 -18.47 -22.33
C ARG C 159 61.86 -19.50 -21.82
N HIS C 160 61.58 -20.08 -20.67
CA HIS C 160 62.43 -20.94 -19.90
C HIS C 160 62.31 -22.43 -20.15
N GLY C 161 61.35 -22.87 -20.92
CA GLY C 161 61.12 -24.30 -21.09
C GLY C 161 60.52 -24.86 -19.82
N TRP C 162 59.61 -24.10 -19.22
CA TRP C 162 58.94 -24.47 -17.98
C TRP C 162 57.52 -24.98 -18.21
N ASP C 163 57.05 -25.88 -17.34
CA ASP C 163 55.63 -26.28 -17.41
C ASP C 163 54.78 -25.25 -16.66
N GLU C 164 53.47 -25.37 -16.76
CA GLU C 164 52.49 -24.46 -16.15
C GLU C 164 52.68 -24.25 -14.66
N ARG C 165 52.88 -25.35 -13.96
CA ARG C 165 53.13 -25.45 -12.53
C ARG C 165 54.40 -24.69 -12.18
N GLU C 166 55.47 -24.89 -12.94
CA GLU C 166 56.70 -24.15 -12.73
C GLU C 166 56.45 -22.65 -12.94
N ALA C 167 55.75 -22.28 -13.99
CA ALA C 167 55.50 -20.87 -14.26
C ALA C 167 54.71 -20.26 -13.10
N HIS C 168 53.68 -20.99 -12.64
CA HIS C 168 52.91 -20.59 -11.49
C HIS C 168 53.77 -20.48 -10.23
N GLN C 169 54.63 -21.46 -9.95
CA GLN C 169 55.47 -21.33 -8.74
C GLN C 169 56.36 -20.09 -8.79
N HIS C 170 56.96 -19.80 -9.94
CA HIS C 170 57.82 -18.63 -10.11
C HIS C 170 57.05 -17.33 -9.92
N LEU C 171 55.92 -17.15 -10.57
CA LEU C 171 55.11 -15.94 -10.37
C LEU C 171 54.80 -15.72 -8.88
N SER C 172 54.22 -16.72 -8.25
CA SER C 172 53.87 -16.67 -6.84
C SER C 172 55.06 -16.32 -5.97
N ARG C 173 56.19 -16.97 -6.18
CA ARG C 173 57.40 -16.72 -5.41
C ARG C 173 57.85 -15.27 -5.53
N GLU C 174 58.10 -14.78 -6.73
CA GLU C 174 58.51 -13.38 -6.89
C GLU C 174 57.46 -12.46 -6.29
N ALA C 175 56.19 -12.68 -6.64
CA ALA C 175 55.08 -11.91 -6.13
C ALA C 175 55.12 -11.78 -4.61
N MET C 176 55.18 -12.92 -3.92
CA MET C 176 55.23 -12.98 -2.47
C MET C 176 56.62 -12.82 -1.87
N LYS C 177 57.49 -12.09 -2.55
CA LYS C 177 58.84 -11.79 -2.13
C LYS C 177 59.09 -10.29 -2.40
N ARG C 178 58.16 -9.70 -3.14
CA ARG C 178 58.21 -8.29 -3.48
C ARG C 178 56.96 -7.60 -2.94
N ARG C 179 56.24 -8.32 -2.09
CA ARG C 179 55.02 -7.87 -1.45
C ARG C 179 54.11 -7.10 -2.40
N GLU C 180 53.73 -7.77 -3.48
CA GLU C 180 52.87 -7.17 -4.50
C GLU C 180 51.95 -8.25 -5.05
N PRO C 181 50.91 -7.83 -5.76
CA PRO C 181 49.94 -8.75 -6.34
C PRO C 181 50.55 -9.63 -7.41
N ILE C 182 50.04 -10.86 -7.61
CA ILE C 182 50.56 -11.74 -8.66
C ILE C 182 50.42 -11.05 -10.01
N LEU C 183 49.31 -10.35 -10.17
CA LEU C 183 48.97 -9.56 -11.32
C LEU C 183 49.99 -8.49 -11.65
N LYS C 184 50.61 -7.85 -10.67
CA LYS C 184 51.61 -6.82 -10.94
C LYS C 184 52.85 -7.45 -11.60
N ILE C 185 53.29 -8.56 -11.01
CA ILE C 185 54.42 -9.31 -11.56
C ILE C 185 54.08 -9.66 -13.00
N ALA C 186 52.91 -10.27 -13.23
CA ALA C 186 52.46 -10.62 -14.56
C ALA C 186 52.49 -9.46 -15.52
N GLN C 187 51.90 -8.32 -15.15
CA GLN C 187 51.92 -7.15 -16.03
C GLN C 187 53.33 -6.61 -16.23
N GLU C 188 54.22 -6.73 -15.25
CA GLU C 188 55.59 -6.28 -15.41
C GLU C 188 56.21 -7.09 -16.54
N LEU C 189 56.04 -8.41 -16.51
CA LEU C 189 56.54 -9.30 -17.55
C LEU C 189 56.01 -8.97 -18.94
N LEU C 190 54.73 -8.65 -19.02
CA LEU C 190 54.10 -8.30 -20.28
C LEU C 190 54.54 -6.88 -20.64
N SER D 2 12.02 1.97 -21.48
CA SER D 2 11.46 3.34 -21.55
C SER D 2 10.19 3.54 -20.73
N ALA D 3 9.91 4.78 -20.28
CA ALA D 3 8.68 5.02 -19.55
C ALA D 3 7.49 4.65 -20.45
N ASN D 4 7.48 5.18 -21.68
CA ASN D 4 6.43 4.88 -22.64
C ASN D 4 6.45 3.43 -23.07
N SER D 5 7.60 2.76 -23.17
CA SER D 5 7.52 1.36 -23.61
C SER D 5 7.07 0.53 -22.41
N LEU D 6 7.44 0.91 -21.19
CA LEU D 6 6.95 0.16 -20.03
C LEU D 6 5.44 0.32 -19.90
N LEU D 7 4.94 1.55 -19.95
CA LEU D 7 3.51 1.82 -19.85
C LEU D 7 2.76 1.20 -20.99
N GLY D 8 3.29 1.30 -22.22
CA GLY D 8 2.58 0.70 -23.38
C GLY D 8 2.59 -0.82 -23.34
N SER D 9 3.47 -1.53 -22.64
CA SER D 9 3.46 -2.99 -22.67
C SER D 9 2.56 -3.68 -21.65
N LEU D 10 1.95 -2.95 -20.73
CA LEU D 10 1.16 -3.55 -19.66
C LEU D 10 0.08 -4.47 -20.11
N ARG D 11 -0.65 -4.14 -21.16
CA ARG D 11 -1.72 -4.98 -21.66
C ARG D 11 -1.24 -6.31 -22.23
N GLU D 12 0.05 -6.51 -22.47
CA GLU D 12 0.54 -7.80 -22.94
C GLU D 12 1.08 -8.60 -21.76
N LEU D 13 1.09 -8.04 -20.54
CA LEU D 13 1.59 -8.85 -19.42
C LEU D 13 0.54 -9.90 -19.05
N GLN D 14 1.04 -11.06 -18.69
CA GLN D 14 0.29 -12.21 -18.24
C GLN D 14 0.52 -12.24 -16.73
N VAL D 15 -0.58 -12.00 -16.02
CA VAL D 15 -0.52 -11.85 -14.58
C VAL D 15 -1.19 -13.00 -13.86
N LEU D 16 -0.56 -13.49 -12.81
CA LEU D 16 -1.18 -14.51 -12.00
C LEU D 16 -1.47 -14.07 -10.56
N VAL D 17 -2.66 -14.33 -10.10
CA VAL D 17 -3.01 -14.00 -8.71
C VAL D 17 -2.97 -15.29 -7.91
N LEU D 18 -1.85 -15.49 -7.23
CA LEU D 18 -1.68 -16.80 -6.52
C LEU D 18 -2.14 -16.59 -5.09
N ASN D 19 -3.43 -16.77 -4.90
CA ASN D 19 -4.10 -16.48 -3.63
C ASN D 19 -5.44 -17.19 -3.61
N PRO D 20 -5.86 -17.63 -2.43
CA PRO D 20 -7.13 -18.33 -2.26
C PRO D 20 -8.25 -17.47 -2.80
N PRO D 21 -9.27 -18.08 -3.36
CA PRO D 21 -10.38 -17.35 -3.96
C PRO D 21 -11.13 -16.60 -2.85
N GLY D 22 -11.61 -15.41 -3.13
CA GLY D 22 -12.29 -14.60 -2.16
C GLY D 22 -12.30 -13.14 -2.62
N GLU D 23 -12.71 -12.26 -1.71
CA GLU D 23 -12.82 -10.84 -1.96
C GLU D 23 -11.50 -10.18 -2.36
N VAL D 24 -10.44 -10.48 -1.63
CA VAL D 24 -9.13 -9.94 -1.98
C VAL D 24 -8.81 -10.32 -3.43
N SER D 25 -8.92 -11.60 -3.74
CA SER D 25 -8.62 -12.09 -5.08
C SER D 25 -9.50 -11.48 -6.15
N ASP D 26 -10.80 -11.34 -5.90
CA ASP D 26 -11.72 -10.79 -6.89
C ASP D 26 -11.34 -9.35 -7.26
N ALA D 27 -11.14 -8.53 -6.24
CA ALA D 27 -10.88 -7.10 -6.42
C ALA D 27 -9.59 -6.91 -7.21
N LEU D 28 -8.60 -7.73 -6.82
CA LEU D 28 -7.27 -7.71 -7.39
C LEU D 28 -7.38 -8.12 -8.85
N VAL D 29 -8.07 -9.21 -9.16
CA VAL D 29 -8.24 -9.61 -10.55
C VAL D 29 -9.04 -8.56 -11.31
N LEU D 30 -10.13 -8.01 -10.72
CA LEU D 30 -10.92 -7.04 -11.49
C LEU D 30 -10.17 -5.75 -11.79
N GLN D 31 -9.32 -5.27 -10.86
CA GLN D 31 -8.51 -4.09 -11.14
C GLN D 31 -7.49 -4.37 -12.22
N LEU D 32 -6.86 -5.57 -12.23
CA LEU D 32 -5.90 -5.91 -13.26
C LEU D 32 -6.55 -6.00 -14.65
N ILE D 33 -7.79 -6.46 -14.66
CA ILE D 33 -8.62 -6.50 -15.86
C ILE D 33 -8.98 -5.07 -16.26
N ARG D 34 -9.16 -4.11 -15.32
CA ARG D 34 -9.41 -2.72 -15.72
C ARG D 34 -8.16 -2.06 -16.30
N ILE D 35 -7.02 -2.34 -15.69
CA ILE D 35 -5.72 -1.93 -16.22
C ILE D 35 -5.56 -2.57 -17.61
N GLY D 36 -6.05 -3.80 -17.84
CA GLY D 36 -6.00 -4.36 -19.17
C GLY D 36 -5.02 -5.53 -19.26
N CYS D 37 -4.46 -5.93 -18.13
CA CYS D 37 -3.54 -7.07 -18.18
C CYS D 37 -4.35 -8.35 -18.39
N SER D 38 -3.63 -9.34 -18.93
CA SER D 38 -4.24 -10.67 -19.09
C SER D 38 -4.06 -11.30 -17.72
N VAL D 39 -5.04 -11.77 -16.98
CA VAL D 39 -4.96 -12.17 -15.61
C VAL D 39 -5.63 -13.51 -15.31
N ARG D 40 -5.10 -14.19 -14.31
CA ARG D 40 -5.68 -15.46 -13.86
C ARG D 40 -5.39 -15.64 -12.39
N GLN D 41 -6.33 -16.24 -11.66
CA GLN D 41 -6.06 -16.51 -10.24
C GLN D 41 -5.80 -18.02 -10.18
N CYS D 42 -5.14 -18.41 -9.13
CA CYS D 42 -4.62 -19.74 -8.99
C CYS D 42 -4.44 -20.08 -7.52
N TRP D 43 -5.13 -21.13 -7.08
CA TRP D 43 -5.02 -21.70 -5.76
C TRP D 43 -5.16 -23.20 -5.83
N PRO D 44 -4.93 -23.96 -4.76
CA PRO D 44 -3.67 -24.14 -4.15
C PRO D 44 -2.48 -23.95 -5.09
N PRO D 45 -1.33 -23.56 -4.53
CA PRO D 45 -0.12 -23.39 -5.31
C PRO D 45 0.26 -24.63 -6.09
N PRO D 46 0.38 -24.54 -7.40
CA PRO D 46 0.83 -25.65 -8.22
C PRO D 46 2.31 -25.89 -8.02
N GLU D 47 2.76 -26.96 -8.65
CA GLU D 47 4.16 -27.34 -8.58
C GLU D 47 5.01 -26.53 -9.55
N ALA D 48 4.38 -26.24 -10.67
CA ALA D 48 4.99 -25.46 -11.73
C ALA D 48 3.83 -24.73 -12.41
N PHE D 49 4.14 -23.62 -13.07
CA PHE D 49 3.05 -22.97 -13.81
C PHE D 49 3.02 -23.65 -15.17
N ASP D 50 1.84 -23.99 -15.69
CA ASP D 50 1.84 -24.63 -17.00
C ASP D 50 1.87 -23.60 -18.13
N VAL D 51 1.58 -22.34 -17.84
CA VAL D 51 1.58 -21.30 -18.87
C VAL D 51 2.52 -20.16 -18.49
N PRO D 52 3.18 -19.54 -19.46
CA PRO D 52 4.05 -18.41 -19.25
C PRO D 52 3.39 -17.37 -18.33
N VAL D 53 4.24 -16.76 -17.50
CA VAL D 53 3.86 -15.82 -16.49
C VAL D 53 4.88 -14.68 -16.44
N ASP D 54 4.34 -13.45 -16.44
CA ASP D 54 5.18 -12.29 -16.35
C ASP D 54 5.28 -11.72 -14.96
N VAL D 55 4.16 -11.69 -14.22
CA VAL D 55 4.07 -11.05 -12.92
C VAL D 55 3.27 -11.95 -11.97
N VAL D 56 3.75 -12.14 -10.74
CA VAL D 56 2.96 -12.93 -9.78
C VAL D 56 2.59 -12.04 -8.59
N PHE D 57 1.35 -12.13 -8.18
CA PHE D 57 0.87 -11.44 -6.96
C PHE D 57 0.68 -12.60 -5.97
N THR D 58 1.33 -12.62 -4.83
CA THR D 58 1.14 -13.70 -3.86
C THR D 58 0.90 -13.20 -2.44
N SER D 59 0.23 -13.99 -1.62
CA SER D 59 0.05 -13.72 -0.19
C SER D 59 1.19 -14.45 0.54
N ILE D 60 1.39 -14.06 1.78
CA ILE D 60 2.50 -14.58 2.58
C ILE D 60 2.04 -15.53 3.68
N PHE D 61 2.34 -16.82 3.55
CA PHE D 61 1.89 -17.85 4.46
C PHE D 61 2.98 -18.40 5.38
N GLN D 62 2.53 -18.81 6.58
CA GLN D 62 3.47 -19.41 7.51
C GLN D 62 3.25 -20.94 7.56
N ASN D 63 2.14 -21.43 7.03
CA ASN D 63 1.95 -22.90 7.12
C ASN D 63 2.63 -23.60 5.96
N ARG D 64 2.13 -24.72 5.50
CA ARG D 64 2.68 -25.52 4.40
C ARG D 64 2.73 -24.80 3.07
N HIS D 65 1.87 -23.78 2.87
CA HIS D 65 1.88 -23.00 1.64
C HIS D 65 3.18 -22.20 1.53
N HIS D 66 3.88 -21.91 2.64
CA HIS D 66 5.15 -21.20 2.56
C HIS D 66 6.15 -21.93 1.64
N ASP D 67 6.51 -23.16 2.03
CA ASP D 67 7.47 -23.94 1.24
C ASP D 67 6.96 -24.22 -0.16
N GLU D 68 5.66 -24.37 -0.37
CA GLU D 68 5.14 -24.57 -1.72
C GLU D 68 5.37 -23.33 -2.57
N ILE D 69 5.00 -22.15 -2.08
CA ILE D 69 5.17 -20.91 -2.83
C ILE D 69 6.65 -20.60 -3.06
N ALA D 70 7.46 -20.81 -2.02
CA ALA D 70 8.88 -20.52 -2.18
C ALA D 70 9.51 -21.46 -3.23
N ALA D 71 9.09 -22.72 -3.25
CA ALA D 71 9.66 -23.61 -4.26
C ALA D 71 9.16 -23.24 -5.66
N LEU D 72 7.84 -23.04 -5.80
CA LEU D 72 7.29 -22.69 -7.12
C LEU D 72 7.92 -21.45 -7.72
N LEU D 73 8.06 -20.38 -6.92
CA LEU D 73 8.56 -19.10 -7.40
C LEU D 73 10.03 -19.09 -7.75
N ALA D 74 10.77 -19.94 -7.04
CA ALA D 74 12.20 -20.13 -7.30
C ALA D 74 12.36 -20.81 -8.64
N ALA D 75 11.40 -21.62 -9.07
CA ALA D 75 11.44 -22.27 -10.37
C ALA D 75 11.14 -21.32 -11.52
N GLY D 76 10.44 -20.21 -11.33
CA GLY D 76 10.04 -19.31 -12.41
C GLY D 76 11.08 -18.74 -13.32
N THR D 77 10.67 -18.00 -14.37
CA THR D 77 11.62 -17.42 -15.33
C THR D 77 12.25 -16.17 -14.74
N PRO D 78 13.45 -15.83 -15.20
CA PRO D 78 14.24 -14.74 -14.66
C PRO D 78 13.62 -13.36 -14.73
N ARG D 79 12.63 -13.07 -15.56
CA ARG D 79 12.02 -11.74 -15.55
C ARG D 79 10.63 -11.75 -14.91
N THR D 80 10.35 -12.78 -14.11
CA THR D 80 9.06 -12.83 -13.44
C THR D 80 9.00 -11.77 -12.35
N THR D 81 8.13 -10.77 -12.52
CA THR D 81 7.95 -9.73 -11.49
C THR D 81 7.20 -10.35 -10.30
N LEU D 82 7.58 -10.11 -9.06
CA LEU D 82 6.87 -10.63 -7.90
C LEU D 82 6.39 -9.52 -6.97
N VAL D 83 5.11 -9.51 -6.65
CA VAL D 83 4.56 -8.52 -5.73
C VAL D 83 3.93 -9.22 -4.54
N ALA D 84 4.25 -8.84 -3.31
CA ALA D 84 3.64 -9.49 -2.16
C ALA D 84 2.46 -8.71 -1.56
N LEU D 85 1.44 -9.46 -1.18
CA LEU D 85 0.26 -8.95 -0.48
C LEU D 85 0.58 -9.21 1.00
N VAL D 86 0.83 -8.12 1.72
CA VAL D 86 1.30 -8.15 3.09
C VAL D 86 0.20 -7.74 4.09
N GLU D 87 0.10 -8.52 5.18
CA GLU D 87 -0.92 -8.17 6.17
C GLU D 87 -0.31 -7.80 7.50
N TYR D 88 0.96 -8.06 7.71
CA TYR D 88 1.68 -7.85 8.94
C TYR D 88 3.00 -7.16 8.63
N GLU D 89 3.58 -6.43 9.55
CA GLU D 89 4.84 -5.74 9.39
C GLU D 89 5.84 -6.43 10.31
N SER D 90 5.50 -7.59 10.83
CA SER D 90 6.32 -8.27 11.84
C SER D 90 7.47 -9.07 11.25
N PRO D 91 8.55 -9.25 12.01
CA PRO D 91 9.77 -9.91 11.58
C PRO D 91 9.62 -11.19 10.77
N ALA D 92 8.96 -12.25 11.23
CA ALA D 92 8.80 -13.46 10.45
C ALA D 92 8.15 -13.19 9.10
N VAL D 93 7.18 -12.27 9.01
CA VAL D 93 6.51 -11.98 7.76
C VAL D 93 7.42 -11.15 6.86
N LEU D 94 8.10 -10.15 7.39
CA LEU D 94 8.94 -9.35 6.48
C LEU D 94 10.15 -10.17 6.05
N SER D 95 10.62 -11.09 6.89
CA SER D 95 11.77 -11.90 6.51
C SER D 95 11.41 -12.75 5.29
N GLN D 96 10.16 -13.27 5.21
CA GLN D 96 9.76 -14.10 4.12
C GLN D 96 9.68 -13.31 2.81
N ILE D 97 9.28 -12.06 2.89
CA ILE D 97 9.22 -11.19 1.71
C ILE D 97 10.62 -10.92 1.19
N ILE D 98 11.58 -10.72 2.09
CA ILE D 98 12.98 -10.54 1.79
C ILE D 98 13.50 -11.81 1.12
N GLU D 99 13.22 -12.96 1.73
CA GLU D 99 13.66 -14.25 1.19
C GLU D 99 13.07 -14.58 -0.17
N LEU D 100 11.85 -14.19 -0.47
CA LEU D 100 11.23 -14.43 -1.76
C LEU D 100 11.77 -13.46 -2.82
N GLU D 101 12.39 -12.36 -2.38
CA GLU D 101 12.94 -11.39 -3.31
C GLU D 101 11.87 -10.64 -4.09
N CYS D 102 10.83 -10.21 -3.37
CA CYS D 102 9.75 -9.44 -4.02
C CYS D 102 10.29 -8.19 -4.67
N HIS D 103 9.61 -7.69 -5.68
CA HIS D 103 9.97 -6.45 -6.36
C HIS D 103 9.02 -5.31 -5.93
N GLY D 104 7.95 -5.62 -5.22
CA GLY D 104 7.02 -4.59 -4.75
C GLY D 104 6.11 -5.21 -3.68
N VAL D 105 5.39 -4.44 -2.88
CA VAL D 105 4.48 -4.96 -1.89
C VAL D 105 3.14 -4.20 -1.92
N ILE D 106 2.05 -4.90 -1.58
CA ILE D 106 0.77 -4.16 -1.42
C ILE D 106 0.31 -4.44 -0.01
N THR D 107 0.13 -3.44 0.85
CA THR D 107 -0.34 -3.73 2.22
C THR D 107 -1.86 -3.90 2.25
N GLN D 108 -2.35 -4.86 3.01
CA GLN D 108 -3.77 -5.18 3.09
C GLN D 108 -4.45 -4.31 4.15
N PRO D 109 -5.74 -4.07 3.99
CA PRO D 109 -6.54 -4.54 2.91
C PRO D 109 -6.25 -3.70 1.66
N LEU D 110 -6.22 -4.38 0.52
CA LEU D 110 -5.91 -3.70 -0.71
C LEU D 110 -7.18 -3.04 -1.25
N ASP D 111 -6.95 -2.07 -2.11
CA ASP D 111 -8.06 -1.41 -2.80
C ASP D 111 -7.48 -1.16 -4.19
N ALA D 112 -8.32 -0.77 -5.14
CA ALA D 112 -7.94 -0.56 -6.51
C ALA D 112 -6.80 0.40 -6.76
N HIS D 113 -6.65 1.45 -5.98
CA HIS D 113 -5.66 2.49 -6.15
C HIS D 113 -4.20 2.07 -5.94
N ARG D 114 -3.93 1.01 -5.21
CA ARG D 114 -2.60 0.55 -4.91
C ARG D 114 -1.95 -0.22 -6.07
N VAL D 115 -2.82 -0.79 -6.89
CA VAL D 115 -2.41 -1.71 -7.93
C VAL D 115 -1.49 -1.19 -9.01
N LEU D 116 -1.87 -0.26 -9.88
CA LEU D 116 -1.07 0.23 -10.96
C LEU D 116 0.30 0.80 -10.56
N PRO D 117 0.36 1.74 -9.61
CA PRO D 117 1.65 2.25 -9.18
C PRO D 117 2.56 1.12 -8.72
N VAL D 118 2.10 0.12 -8.00
CA VAL D 118 3.00 -0.95 -7.57
C VAL D 118 3.41 -1.83 -8.74
N LEU D 119 2.45 -2.16 -9.61
CA LEU D 119 2.73 -2.97 -10.78
C LEU D 119 3.82 -2.38 -11.69
N VAL D 120 3.68 -1.10 -12.07
CA VAL D 120 4.64 -0.47 -12.95
C VAL D 120 6.02 -0.43 -12.34
N SER D 121 6.03 0.03 -11.09
CA SER D 121 7.17 0.21 -10.24
C SER D 121 7.97 -1.10 -10.06
N ALA D 122 7.27 -2.15 -9.66
CA ALA D 122 7.83 -3.48 -9.44
C ALA D 122 8.37 -4.02 -10.76
N ARG D 123 7.66 -3.73 -11.85
CA ARG D 123 8.08 -4.17 -13.16
C ARG D 123 9.32 -3.39 -13.60
N ARG D 124 9.49 -2.07 -13.35
CA ARG D 124 10.79 -1.56 -13.78
C ARG D 124 11.89 -2.19 -12.88
N ILE D 125 11.57 -2.40 -11.60
CA ILE D 125 12.59 -2.99 -10.74
C ILE D 125 12.96 -4.38 -11.24
N SER D 126 11.99 -5.25 -11.50
CA SER D 126 12.37 -6.61 -11.92
C SER D 126 13.10 -6.64 -13.26
N GLU D 127 12.84 -5.69 -14.16
CA GLU D 127 13.51 -5.62 -15.43
C GLU D 127 14.97 -5.19 -15.23
N GLU D 128 15.21 -4.18 -14.39
CA GLU D 128 16.55 -3.72 -14.16
C GLU D 128 17.38 -4.83 -13.47
N MET D 129 16.81 -5.48 -12.45
CA MET D 129 17.53 -6.47 -11.67
C MET D 129 17.96 -7.66 -12.53
N ALA D 130 17.01 -8.13 -13.31
CA ALA D 130 17.22 -9.25 -14.20
C ALA D 130 18.31 -8.92 -15.22
N LYS D 131 18.37 -7.72 -15.80
CA LYS D 131 19.45 -7.40 -16.70
C LYS D 131 20.77 -7.38 -15.94
N LEU D 132 20.79 -6.79 -14.74
CA LEU D 132 22.02 -6.77 -13.94
C LEU D 132 22.51 -8.18 -13.59
N LYS D 133 21.57 -9.05 -13.20
CA LYS D 133 21.90 -10.42 -12.85
C LYS D 133 22.54 -11.16 -14.03
N GLN D 134 21.88 -11.12 -15.17
CA GLN D 134 22.29 -11.67 -16.43
C GLN D 134 23.73 -11.28 -16.77
N LYS D 135 24.06 -9.99 -16.68
CA LYS D 135 25.41 -9.53 -16.96
C LYS D 135 26.42 -10.21 -16.04
N THR D 136 26.10 -10.34 -14.75
CA THR D 136 26.91 -11.02 -13.77
C THR D 136 27.17 -12.46 -14.24
N GLU D 137 26.08 -13.09 -14.69
CA GLU D 137 26.13 -14.48 -15.12
C GLU D 137 26.96 -14.63 -16.39
N GLN D 138 26.77 -13.72 -17.33
CA GLN D 138 27.57 -13.70 -18.54
C GLN D 138 29.07 -13.57 -18.17
N LEU D 139 29.42 -12.72 -17.20
CA LEU D 139 30.83 -12.61 -16.85
C LEU D 139 31.36 -13.88 -16.18
N GLN D 140 30.58 -14.51 -15.32
CA GLN D 140 30.96 -15.73 -14.63
C GLN D 140 31.24 -16.86 -15.63
N ASP D 141 30.30 -16.99 -16.55
CA ASP D 141 30.39 -17.95 -17.62
C ASP D 141 31.67 -17.73 -18.43
N ARG D 142 31.99 -16.51 -18.83
CA ARG D 142 33.18 -16.18 -19.56
C ARG D 142 34.45 -16.50 -18.77
N ILE D 143 34.46 -16.18 -17.48
CA ILE D 143 35.62 -16.48 -16.67
C ILE D 143 35.89 -17.99 -16.65
N ALA D 144 34.86 -18.78 -16.36
CA ALA D 144 35.04 -20.23 -16.25
C ALA D 144 35.46 -20.82 -17.59
N GLY D 145 34.80 -20.37 -18.66
CA GLY D 145 35.11 -20.85 -19.99
C GLY D 145 36.52 -20.55 -20.43
N GLN D 146 37.09 -19.38 -20.12
CA GLN D 146 38.44 -19.08 -20.54
C GLN D 146 39.41 -19.93 -19.72
N ALA D 147 39.07 -20.18 -18.46
CA ALA D 147 39.89 -21.03 -17.60
C ALA D 147 39.98 -22.44 -18.20
N ARG D 148 38.85 -23.01 -18.60
CA ARG D 148 38.81 -24.35 -19.17
C ARG D 148 39.56 -24.44 -20.50
N ILE D 149 39.45 -23.40 -21.30
CA ILE D 149 40.17 -23.41 -22.58
C ILE D 149 41.65 -23.29 -22.25
N ASN D 150 42.01 -22.43 -21.32
CA ASN D 150 43.37 -22.27 -20.90
C ASN D 150 43.94 -23.61 -20.38
N GLN D 151 43.22 -24.34 -19.54
CA GLN D 151 43.77 -25.59 -19.05
C GLN D 151 43.76 -26.65 -20.14
N ALA D 152 42.89 -26.63 -21.15
CA ALA D 152 42.99 -27.64 -22.18
C ALA D 152 44.22 -27.37 -23.06
N LYS D 153 44.58 -26.10 -23.32
CA LYS D 153 45.75 -25.76 -24.11
C LYS D 153 47.04 -26.25 -23.43
N VAL D 154 47.17 -25.89 -22.16
CA VAL D 154 48.27 -26.38 -21.35
C VAL D 154 48.30 -27.92 -21.36
N LEU D 155 47.17 -28.61 -21.39
CA LEU D 155 47.13 -30.05 -21.43
C LEU D 155 47.71 -30.57 -22.75
N LEU D 156 47.41 -29.88 -23.84
CA LEU D 156 47.86 -30.23 -25.16
C LEU D 156 49.36 -29.96 -25.32
N MET D 157 49.85 -28.89 -24.70
CA MET D 157 51.25 -28.51 -24.77
C MET D 157 52.10 -29.66 -24.23
N GLN D 158 51.84 -30.06 -22.99
CA GLN D 158 52.48 -31.14 -22.30
C GLN D 158 52.38 -32.46 -23.05
N ARG D 159 51.18 -32.84 -23.45
CA ARG D 159 50.96 -34.09 -24.14
C ARG D 159 51.77 -34.24 -25.42
N HIS D 160 51.68 -33.21 -26.26
CA HIS D 160 52.30 -33.22 -27.57
C HIS D 160 53.65 -32.55 -27.69
N GLY D 161 54.17 -31.84 -26.69
CA GLY D 161 55.40 -31.07 -26.88
C GLY D 161 55.12 -29.82 -27.73
N TRP D 162 53.88 -29.37 -27.87
CA TRP D 162 53.50 -28.18 -28.64
C TRP D 162 53.63 -26.87 -27.92
N ASP D 163 53.99 -25.77 -28.57
CA ASP D 163 53.93 -24.46 -27.88
C ASP D 163 52.47 -23.98 -27.83
N GLU D 164 52.21 -22.82 -27.27
CA GLU D 164 50.85 -22.29 -27.20
C GLU D 164 50.16 -22.08 -28.55
N ARG D 165 50.88 -21.66 -29.58
CA ARG D 165 50.26 -21.37 -30.86
C ARG D 165 49.72 -22.63 -31.49
N GLU D 166 50.53 -23.68 -31.39
CA GLU D 166 50.14 -24.98 -31.89
C GLU D 166 48.92 -25.44 -31.10
N ALA D 167 49.02 -25.38 -29.78
CA ALA D 167 47.90 -25.84 -28.96
C ALA D 167 46.62 -25.06 -29.35
N HIS D 168 46.69 -23.74 -29.36
CA HIS D 168 45.56 -22.93 -29.79
C HIS D 168 45.12 -23.29 -31.20
N GLN D 169 46.02 -23.40 -32.16
CA GLN D 169 45.65 -23.78 -33.52
C GLN D 169 44.85 -25.09 -33.52
N HIS D 170 45.32 -26.11 -32.78
CA HIS D 170 44.63 -27.38 -32.77
C HIS D 170 43.19 -27.30 -32.25
N LEU D 171 42.99 -26.62 -31.14
CA LEU D 171 41.68 -26.47 -30.54
C LEU D 171 40.71 -25.80 -31.52
N SER D 172 41.15 -24.68 -32.09
CA SER D 172 40.32 -23.98 -33.05
C SER D 172 39.98 -24.89 -34.22
N ARG D 173 41.02 -25.44 -34.87
CA ARG D 173 40.77 -26.35 -35.99
C ARG D 173 39.81 -27.45 -35.55
N GLU D 174 40.06 -28.11 -34.43
CA GLU D 174 39.15 -29.15 -33.96
C GLU D 174 37.75 -28.60 -33.71
N ALA D 175 37.63 -27.47 -33.04
CA ALA D 175 36.33 -26.87 -32.79
C ALA D 175 35.65 -26.46 -34.09
N MET D 176 36.31 -25.63 -34.89
CA MET D 176 35.79 -25.14 -36.15
C MET D 176 35.20 -26.25 -37.01
N LYS D 177 35.98 -27.31 -37.26
CA LYS D 177 35.53 -28.43 -38.05
C LYS D 177 35.02 -29.55 -37.16
N ARG D 178 33.82 -29.38 -36.65
CA ARG D 178 33.13 -30.32 -35.77
C ARG D 178 31.77 -29.69 -35.42
N ARG D 179 31.69 -28.38 -35.66
CA ARG D 179 30.48 -27.61 -35.41
C ARG D 179 30.11 -27.64 -33.93
N GLU D 180 31.11 -27.45 -33.10
CA GLU D 180 30.98 -27.42 -31.64
C GLU D 180 31.90 -26.32 -31.13
N PRO D 181 31.41 -25.49 -30.24
CA PRO D 181 32.21 -24.41 -29.68
C PRO D 181 33.59 -24.92 -29.29
N ILE D 182 34.57 -24.02 -29.25
CA ILE D 182 35.95 -24.35 -28.90
C ILE D 182 36.05 -24.77 -27.45
N LEU D 183 35.09 -24.33 -26.63
CA LEU D 183 34.96 -24.71 -25.24
C LEU D 183 34.43 -26.13 -25.10
N LYS D 184 33.70 -26.62 -26.08
CA LYS D 184 33.20 -28.00 -26.08
C LYS D 184 34.37 -28.97 -26.23
N ILE D 185 35.30 -28.68 -27.13
CA ILE D 185 36.50 -29.49 -27.38
C ILE D 185 37.37 -29.57 -26.13
N ALA D 186 37.56 -28.42 -25.49
CA ALA D 186 38.31 -28.35 -24.25
C ALA D 186 37.70 -29.25 -23.19
N GLN D 187 36.38 -29.21 -23.04
CA GLN D 187 35.67 -30.01 -22.04
C GLN D 187 35.70 -31.49 -22.37
N GLU D 188 35.61 -31.80 -23.66
CA GLU D 188 35.69 -33.18 -24.13
C GLU D 188 37.11 -33.70 -24.03
N LEU D 189 38.09 -32.82 -24.15
CA LEU D 189 39.51 -33.16 -24.03
C LEU D 189 39.81 -33.32 -22.54
N LEU D 190 39.35 -32.23 -21.90
CA LEU D 190 39.59 -32.14 -20.47
C LEU D 190 38.79 -33.26 -19.81
N GLY D 191 38.92 -33.15 -18.50
CA GLY D 191 38.29 -34.12 -17.62
C GLY D 191 39.46 -34.48 -16.70
N ASN D 192 40.17 -33.44 -16.23
CA ASN D 192 41.19 -33.69 -15.21
C ASN D 192 40.50 -34.15 -13.90
N GLU D 193 39.17 -34.03 -13.85
CA GLU D 193 38.34 -34.20 -12.67
C GLU D 193 38.93 -33.00 -11.90
N PRO D 194 38.95 -31.84 -12.56
CA PRO D 194 39.83 -30.78 -12.14
C PRO D 194 39.23 -29.51 -11.57
N SER D 195 39.76 -28.39 -12.05
CA SER D 195 39.27 -27.09 -11.65
C SER D 195 37.79 -27.00 -11.99
C3 BMD E . -11.73 20.09 -17.73
C2 BMD E . -11.42 19.69 -16.27
C1 BMD E . -11.04 18.28 -16.09
CA BMD E . -10.51 17.90 -14.68
OA BMD E . -9.65 18.59 -14.13
NA BMD E . -10.65 16.57 -14.49
C3 BMD F . -2.06 -14.61 23.76
C2 BMD F . -2.53 -14.35 22.30
C1 BMD F . -2.28 -12.96 21.81
CA BMD F . -2.43 -12.61 20.32
OA BMD F . -2.85 -13.37 19.44
NA BMD F . -2.27 -11.31 20.02
#